data_9FNV
#
_entry.id   9FNV
#
_cell.length_a   81.390
_cell.length_b   81.480
_cell.length_c   170.190
_cell.angle_alpha   90.000
_cell.angle_beta   90.000
_cell.angle_gamma   90.000
#
_symmetry.space_group_name_H-M   'P 21 21 21'
#
loop_
_entity.id
_entity.type
_entity.pdbx_description
1 polymer 'N-glycosylase/DNA lyase'
2 non-polymer 2-(2-pyridin-3-yl-1~{H}-indol-3-yl)ethanamine
3 non-polymer 'NICKEL (II) ION'
4 water water
#
_entity_poly.entity_id   1
_entity_poly.type   'polypeptide(L)'
_entity_poly.pdbx_seq_one_letter_code
;GSHMRHRTLSSSPALWASIPCPRSELRLDLVLASGQSFRWKEQSPAHWSGVLADQVWTLTQTEDQLYCTVYRGDDSQVSR
PTLEELETLHKYFQLDVSLAQLYSHWASVDSHFQRVAQKFQGVRLLRQDPTECLFSFICSSNNNIARITGMVERLCQAFG
PRLIQLDDVTYHGFPNLHALAGPEAETHLRKLGLGYRARYVRASAKAILEEQGGPAWLQQLRVAPYEEAHKALCTLPGVG
AKVADCICLMALDKPQAVPVDVHVWQIAHRDYGWHPKTSQAKGPSPLANKELGNFFRNLWGPYAGWAQAVLFSADLRQ
;
_entity_poly.pdbx_strand_id   A,B,C
#
loop_
_chem_comp.id
_chem_comp.type
_chem_comp.name
_chem_comp.formula
A1IEJ non-polymer 2-(2-pyridin-3-yl-1~{H}-indol-3-yl)ethanamine 'C15 H15 N3'
NI non-polymer 'NICKEL (II) ION' 'Ni 2'
#
# COMPACT_ATOMS: atom_id res chain seq x y z
N HIS A 3 2.29 -18.89 45.32
CA HIS A 3 1.99 -20.31 44.97
C HIS A 3 1.91 -20.48 43.45
N MET A 4 0.72 -20.27 42.88
CA MET A 4 0.34 -20.90 41.61
C MET A 4 0.95 -20.17 40.42
N ARG A 5 1.06 -20.95 39.36
CA ARG A 5 1.88 -20.61 38.22
C ARG A 5 0.98 -20.69 36.98
N HIS A 6 1.26 -19.91 35.93
CA HIS A 6 0.54 -20.08 34.67
C HIS A 6 0.96 -21.40 34.03
N ARG A 7 -0.03 -22.19 33.59
CA ARG A 7 0.20 -23.48 32.96
C ARG A 7 0.67 -23.31 31.52
N THR A 8 1.52 -24.27 31.11
CA THR A 8 1.79 -24.59 29.71
C THR A 8 1.31 -25.99 29.43
N LEU A 9 1.11 -26.27 28.14
CA LEU A 9 0.57 -27.54 27.69
C LEU A 9 1.57 -28.65 28.06
N SER A 10 2.86 -28.37 27.88
CA SER A 10 3.91 -29.25 28.37
C SER A 10 3.83 -29.46 29.88
N SER A 11 3.83 -28.36 30.66
CA SER A 11 3.85 -28.43 32.11
C SER A 11 2.92 -29.50 32.66
N SER A 12 1.66 -29.43 32.27
CA SER A 12 0.60 -29.96 33.10
C SER A 12 -0.46 -30.62 32.23
N PRO A 13 -0.10 -31.58 31.34
CA PRO A 13 -1.01 -32.08 30.31
C PRO A 13 -2.34 -32.60 30.85
N ALA A 14 -2.33 -33.08 32.10
CA ALA A 14 -3.50 -33.72 32.68
C ALA A 14 -4.60 -32.72 33.00
N LEU A 15 -4.32 -31.41 32.84
CA LEU A 15 -5.25 -30.38 33.28
C LEU A 15 -5.81 -29.59 32.08
N TRP A 16 -5.41 -29.99 30.87
CA TRP A 16 -5.90 -29.41 29.63
C TRP A 16 -6.94 -30.29 28.92
N ALA A 17 -7.92 -29.65 28.29
CA ALA A 17 -8.83 -30.30 27.36
C ALA A 17 -8.72 -29.66 25.99
N SER A 18 -9.32 -30.33 25.00
CA SER A 18 -9.17 -30.00 23.60
C SER A 18 -10.56 -29.84 23.00
N ILE A 19 -10.69 -28.87 22.10
CA ILE A 19 -11.85 -28.72 21.25
C ILE A 19 -11.32 -28.84 19.82
N PRO A 20 -11.89 -29.74 18.99
CA PRO A 20 -11.44 -29.88 17.59
C PRO A 20 -11.64 -28.54 16.90
N CYS A 21 -10.58 -27.98 16.35
CA CYS A 21 -10.70 -26.66 15.77
C CYS A 21 -9.50 -26.41 14.88
N PRO A 22 -9.71 -26.36 13.54
CA PRO A 22 -8.63 -25.99 12.64
C PRO A 22 -8.24 -24.52 12.81
N ARG A 23 -6.95 -24.27 12.58
CA ARG A 23 -6.37 -22.95 12.73
C ARG A 23 -6.93 -22.05 11.63
N SER A 24 -7.55 -22.62 10.59
CA SER A 24 -8.20 -21.80 9.56
C SER A 24 -9.55 -21.27 10.05
N GLU A 25 -10.12 -21.91 11.07
CA GLU A 25 -11.34 -21.46 11.73
C GLU A 25 -11.07 -20.47 12.87
N LEU A 26 -9.83 -20.44 13.37
CA LEU A 26 -9.50 -19.58 14.49
C LEU A 26 -7.98 -19.51 14.70
N ARG A 27 -7.46 -18.28 14.64
CA ARG A 27 -6.10 -17.99 15.06
C ARG A 27 -6.15 -17.08 16.28
N LEU A 28 -5.76 -17.66 17.43
CA LEU A 28 -5.71 -16.97 18.70
C LEU A 28 -4.96 -15.66 18.58
N ASP A 29 -3.80 -15.68 17.91
CA ASP A 29 -2.93 -14.52 17.82
C ASP A 29 -3.48 -13.42 16.89
N LEU A 30 -4.57 -13.66 16.14
CA LEU A 30 -5.12 -12.55 15.37
C LEU A 30 -6.45 -12.08 15.97
N VAL A 31 -6.87 -12.70 17.08
CA VAL A 31 -8.17 -12.48 17.69
C VAL A 31 -8.04 -11.96 19.13
N LEU A 32 -7.26 -12.62 20.01
CA LEU A 32 -7.34 -12.31 21.43
C LEU A 32 -6.74 -10.94 21.80
N ALA A 33 -5.86 -10.35 20.97
CA ALA A 33 -5.36 -9.02 21.30
C ALA A 33 -5.51 -8.12 20.09
N SER A 34 -6.57 -8.32 19.31
CA SER A 34 -6.76 -7.47 18.16
C SER A 34 -8.02 -6.62 18.35
N GLY A 35 -8.18 -6.09 19.58
CA GLY A 35 -9.11 -4.98 19.80
C GLY A 35 -10.57 -5.42 19.97
N GLN A 36 -10.78 -6.66 20.37
CA GLN A 36 -12.13 -7.07 20.70
C GLN A 36 -12.32 -7.18 22.23
N SER A 37 -11.74 -8.24 22.84
CA SER A 37 -11.45 -8.28 24.27
C SER A 37 -10.10 -7.61 24.54
N PHE A 38 -9.98 -6.97 25.71
CA PHE A 38 -8.76 -6.33 26.15
C PHE A 38 -8.16 -7.08 27.36
N ARG A 39 -8.59 -8.32 27.60
CA ARG A 39 -8.28 -9.03 28.86
C ARG A 39 -7.41 -10.27 28.64
N TRP A 40 -6.89 -10.48 27.45
CA TRP A 40 -6.11 -11.69 27.16
C TRP A 40 -4.67 -11.24 26.95
N LYS A 41 -3.71 -12.00 27.54
CA LYS A 41 -2.30 -11.76 27.29
C LYS A 41 -1.57 -13.08 27.15
N GLU A 42 -0.56 -13.05 26.26
CA GLU A 42 0.33 -14.16 25.96
C GLU A 42 1.43 -14.18 27.02
N GLN A 43 1.15 -14.78 28.19
CA GLN A 43 2.01 -14.71 29.35
C GLN A 43 3.25 -15.59 29.13
N SER A 44 3.13 -16.63 28.30
CA SER A 44 4.27 -17.37 27.76
C SER A 44 4.05 -17.61 26.28
N PRO A 45 5.11 -17.86 25.48
CA PRO A 45 4.95 -18.07 24.04
C PRO A 45 3.81 -19.03 23.67
N ALA A 46 2.89 -18.51 22.82
CA ALA A 46 1.72 -19.21 22.28
C ALA A 46 0.66 -19.59 23.32
N HIS A 47 0.82 -19.15 24.58
CA HIS A 47 -0.15 -19.49 25.62
C HIS A 47 -0.83 -18.21 26.11
N TRP A 48 -2.17 -18.12 25.99
CA TRP A 48 -2.89 -16.88 26.23
C TRP A 48 -3.76 -17.02 27.47
N SER A 49 -3.65 -16.06 28.41
CA SER A 49 -4.36 -16.16 29.67
C SER A 49 -5.25 -14.95 29.83
N GLY A 50 -6.42 -15.18 30.40
CA GLY A 50 -7.39 -14.12 30.54
C GLY A 50 -8.60 -14.55 31.34
N VAL A 51 -9.46 -13.58 31.61
CA VAL A 51 -10.65 -13.85 32.39
C VAL A 51 -11.88 -13.89 31.50
N LEU A 52 -12.65 -14.97 31.73
CA LEU A 52 -13.97 -15.19 31.18
C LEU A 52 -14.93 -15.41 32.34
N ALA A 53 -15.82 -14.43 32.61
CA ALA A 53 -16.93 -14.67 33.52
C ALA A 53 -16.46 -15.12 34.91
N ASP A 54 -15.66 -14.36 35.65
CA ASP A 54 -15.24 -14.87 36.97
C ASP A 54 -14.52 -16.25 36.94
N GLN A 55 -13.88 -16.63 35.82
CA GLN A 55 -12.88 -17.70 35.82
C GLN A 55 -11.67 -17.29 34.99
N VAL A 56 -10.50 -17.81 35.33
CA VAL A 56 -9.32 -17.59 34.53
C VAL A 56 -9.10 -18.84 33.67
N TRP A 57 -8.74 -18.59 32.39
CA TRP A 57 -8.35 -19.63 31.43
C TRP A 57 -6.96 -19.40 30.88
N THR A 58 -6.32 -20.51 30.43
CA THR A 58 -5.22 -20.39 29.50
C THR A 58 -5.55 -21.19 28.23
N LEU A 59 -5.20 -20.65 27.05
CA LEU A 59 -5.52 -21.27 25.76
C LEU A 59 -4.26 -21.33 24.90
N THR A 60 -4.16 -22.41 24.12
CA THR A 60 -3.12 -22.57 23.10
C THR A 60 -3.74 -23.51 22.04
N GLN A 61 -3.13 -23.60 20.87
CA GLN A 61 -3.73 -24.40 19.81
C GLN A 61 -2.64 -25.11 18.98
N THR A 62 -3.00 -26.24 18.35
CA THR A 62 -2.16 -26.82 17.32
C THR A 62 -2.69 -26.37 15.96
N GLU A 63 -2.46 -27.17 14.90
CA GLU A 63 -3.03 -26.87 13.60
C GLU A 63 -4.50 -27.31 13.55
N ASP A 64 -4.88 -28.29 14.37
CA ASP A 64 -6.24 -28.80 14.33
C ASP A 64 -6.93 -28.83 15.69
N GLN A 65 -6.25 -28.42 16.77
CA GLN A 65 -6.87 -28.51 18.09
C GLN A 65 -6.70 -27.21 18.88
N LEU A 66 -7.79 -26.82 19.56
CA LEU A 66 -7.79 -25.76 20.59
C LEU A 66 -7.69 -26.38 21.99
N TYR A 67 -6.59 -26.09 22.71
CA TYR A 67 -6.39 -26.61 24.07
C TYR A 67 -6.74 -25.54 25.08
N CYS A 68 -7.35 -25.94 26.19
CA CYS A 68 -7.62 -24.97 27.21
C CYS A 68 -7.54 -25.59 28.59
N THR A 69 -7.25 -24.72 29.56
CA THR A 69 -7.20 -25.12 30.96
C THR A 69 -7.84 -23.99 31.76
N VAL A 70 -8.55 -24.36 32.84
CA VAL A 70 -9.30 -23.45 33.67
C VAL A 70 -8.71 -23.49 35.09
N TYR A 71 -8.73 -22.33 35.75
CA TYR A 71 -8.40 -22.19 37.16
C TYR A 71 -9.62 -21.66 37.92
N ARG A 72 -10.15 -22.45 38.85
CA ARG A 72 -11.32 -22.04 39.62
C ARG A 72 -10.85 -21.19 40.80
N GLY A 73 -9.79 -21.65 41.48
CA GLY A 73 -9.03 -20.81 42.40
C GLY A 73 -9.50 -20.95 43.84
N ASP A 74 -10.82 -20.82 44.05
CA ASP A 74 -11.47 -21.00 45.34
C ASP A 74 -11.20 -22.41 45.83
N ASP A 75 -10.03 -22.59 46.46
CA ASP A 75 -9.21 -23.79 46.33
C ASP A 75 -10.09 -25.03 46.35
N SER A 76 -10.91 -25.17 45.30
CA SER A 76 -11.32 -26.45 44.78
C SER A 76 -10.05 -27.12 44.28
N GLN A 77 -10.10 -28.43 44.08
CA GLN A 77 -8.97 -29.17 43.53
C GLN A 77 -8.82 -28.87 42.04
N VAL A 78 -7.56 -28.79 41.55
CA VAL A 78 -7.29 -28.61 40.12
C VAL A 78 -7.90 -29.79 39.36
N SER A 79 -8.56 -29.49 38.23
CA SER A 79 -8.99 -30.53 37.31
C SER A 79 -9.14 -29.92 35.93
N ARG A 80 -9.15 -30.81 34.92
CA ARG A 80 -9.51 -30.49 33.55
C ARG A 80 -10.82 -29.74 33.49
N PRO A 81 -11.07 -28.97 32.41
CA PRO A 81 -12.34 -28.26 32.24
C PRO A 81 -13.45 -29.28 32.10
N THR A 82 -14.61 -28.95 32.65
CA THR A 82 -15.78 -29.80 32.50
C THR A 82 -16.41 -29.60 31.11
N LEU A 83 -17.46 -30.38 30.84
CA LEU A 83 -18.25 -30.27 29.63
C LEU A 83 -18.89 -28.88 29.52
N GLU A 84 -19.71 -28.45 30.49
CA GLU A 84 -20.32 -27.13 30.50
C GLU A 84 -19.30 -26.00 30.26
N GLU A 85 -18.11 -26.10 30.87
CA GLU A 85 -17.11 -25.06 30.74
C GLU A 85 -16.63 -25.05 29.28
N LEU A 86 -16.46 -26.23 28.67
CA LEU A 86 -16.07 -26.31 27.26
C LEU A 86 -17.14 -25.71 26.34
N GLU A 87 -18.43 -25.93 26.65
CA GLU A 87 -19.53 -25.34 25.88
C GLU A 87 -19.46 -23.81 25.96
N THR A 88 -19.18 -23.28 27.14
CA THR A 88 -19.01 -21.85 27.33
C THR A 88 -18.02 -21.28 26.31
N LEU A 89 -16.90 -21.98 26.15
CA LEU A 89 -15.79 -21.51 25.36
C LEU A 89 -16.11 -21.65 23.88
N HIS A 90 -16.80 -22.75 23.52
CA HIS A 90 -17.20 -22.99 22.15
C HIS A 90 -18.10 -21.85 21.70
N LYS A 91 -18.95 -21.39 22.62
CA LYS A 91 -19.87 -20.30 22.35
C LYS A 91 -19.13 -18.96 22.32
N TYR A 92 -18.13 -18.77 23.20
CA TYR A 92 -17.35 -17.54 23.26
C TYR A 92 -16.69 -17.28 21.90
N PHE A 93 -16.20 -18.34 21.25
CA PHE A 93 -15.60 -18.22 19.94
C PHE A 93 -16.62 -18.45 18.80
N GLN A 94 -17.90 -18.68 19.14
CA GLN A 94 -18.97 -18.82 18.18
C GLN A 94 -18.60 -19.83 17.09
N LEU A 95 -18.01 -20.96 17.51
CA LEU A 95 -17.50 -21.97 16.60
C LEU A 95 -18.58 -22.71 15.80
N ASP A 96 -19.86 -22.57 16.14
CA ASP A 96 -20.94 -23.09 15.31
C ASP A 96 -20.92 -22.43 13.93
N VAL A 97 -20.45 -21.19 13.84
CA VAL A 97 -20.42 -20.49 12.56
C VAL A 97 -19.17 -20.90 11.80
N SER A 98 -19.34 -21.29 10.54
CA SER A 98 -18.22 -21.62 9.67
C SER A 98 -17.55 -20.38 9.12
N LEU A 99 -16.26 -20.16 9.46
CA LEU A 99 -15.53 -19.02 8.94
C LEU A 99 -15.07 -19.20 7.49
N ALA A 100 -14.73 -20.45 7.12
CA ALA A 100 -14.29 -20.75 5.77
C ALA A 100 -15.43 -20.45 4.80
N GLN A 101 -16.66 -20.88 5.10
CA GLN A 101 -17.79 -20.52 4.24
C GLN A 101 -18.01 -19.00 4.18
N LEU A 102 -17.83 -18.27 5.29
CA LEU A 102 -18.04 -16.82 5.23
C LEU A 102 -16.96 -16.16 4.38
N TYR A 103 -15.72 -16.60 4.59
CA TYR A 103 -14.59 -16.11 3.81
C TYR A 103 -14.85 -16.25 2.30
N SER A 104 -15.36 -17.39 1.81
CA SER A 104 -15.50 -17.51 0.35
C SER A 104 -16.69 -16.69 -0.12
N HIS A 105 -17.73 -16.60 0.73
CA HIS A 105 -18.88 -15.79 0.38
C HIS A 105 -18.45 -14.34 0.19
N TRP A 106 -17.52 -13.86 1.03
CA TRP A 106 -17.05 -12.49 0.93
C TRP A 106 -16.07 -12.35 -0.24
N ALA A 107 -15.18 -13.33 -0.38
CA ALA A 107 -14.20 -13.31 -1.46
C ALA A 107 -14.92 -13.29 -2.82
N SER A 108 -16.08 -13.93 -2.91
CA SER A 108 -16.77 -14.05 -4.18
C SER A 108 -17.17 -12.67 -4.73
N VAL A 109 -17.22 -11.60 -3.90
CA VAL A 109 -17.58 -10.28 -4.44
C VAL A 109 -16.51 -9.23 -4.15
N ASP A 110 -15.33 -9.62 -3.67
CA ASP A 110 -14.41 -8.63 -3.13
C ASP A 110 -13.00 -9.17 -3.24
N SER A 111 -12.27 -8.71 -4.27
CA SER A 111 -10.97 -9.30 -4.58
C SER A 111 -9.96 -8.73 -3.60
N HIS A 112 -10.25 -7.55 -3.06
CA HIS A 112 -9.44 -7.00 -1.98
C HIS A 112 -9.45 -7.96 -0.80
N PHE A 113 -10.64 -8.30 -0.33
CA PHE A 113 -10.73 -9.19 0.81
C PHE A 113 -10.01 -10.49 0.45
N GLN A 114 -10.11 -10.91 -0.80
CA GLN A 114 -9.50 -12.16 -1.21
C GLN A 114 -7.99 -12.16 -1.01
N ARG A 115 -7.31 -11.06 -1.39
CA ARG A 115 -5.86 -10.92 -1.19
C ARG A 115 -5.52 -10.97 0.31
N VAL A 116 -6.14 -10.09 1.10
CA VAL A 116 -5.92 -10.03 2.54
C VAL A 116 -6.19 -11.36 3.21
N ALA A 117 -7.25 -12.06 2.80
CA ALA A 117 -7.65 -13.34 3.39
C ALA A 117 -6.60 -14.44 3.26
N GLN A 118 -5.70 -14.34 2.28
CA GLN A 118 -4.70 -15.38 2.06
C GLN A 118 -3.82 -15.54 3.30
N LYS A 119 -3.44 -14.40 3.90
CA LYS A 119 -2.47 -14.34 4.98
C LYS A 119 -3.15 -14.25 6.34
N PHE A 120 -4.43 -13.84 6.38
CA PHE A 120 -5.10 -13.53 7.65
C PHE A 120 -6.35 -14.38 7.80
N GLN A 121 -6.09 -15.66 7.95
CA GLN A 121 -7.12 -16.64 8.18
C GLN A 121 -7.41 -16.72 9.67
N GLY A 122 -8.62 -17.19 10.01
CA GLY A 122 -8.96 -17.46 11.39
C GLY A 122 -9.27 -16.21 12.22
N VAL A 123 -9.54 -15.09 11.56
CA VAL A 123 -10.07 -13.96 12.31
C VAL A 123 -11.58 -14.09 12.43
N ARG A 124 -12.08 -14.35 13.64
CA ARG A 124 -13.52 -14.34 13.88
C ARG A 124 -13.88 -13.44 15.06
N LEU A 125 -15.17 -13.38 15.40
CA LEU A 125 -15.68 -12.45 16.40
C LEU A 125 -15.92 -13.20 17.71
N LEU A 126 -15.40 -12.69 18.82
CA LEU A 126 -15.75 -13.21 20.13
C LEU A 126 -17.19 -12.82 20.38
N ARG A 127 -17.92 -13.65 21.13
CA ARG A 127 -19.19 -13.27 21.70
C ARG A 127 -19.00 -12.94 23.17
N GLN A 128 -19.01 -11.64 23.45
CA GLN A 128 -18.56 -11.10 24.72
C GLN A 128 -19.75 -10.78 25.62
N ASP A 129 -19.48 -10.66 26.93
CA ASP A 129 -20.42 -10.17 27.93
C ASP A 129 -20.74 -8.68 27.65
N PRO A 130 -22.04 -8.29 27.58
CA PRO A 130 -22.41 -6.91 27.26
C PRO A 130 -21.85 -5.82 28.18
N THR A 131 -21.83 -6.08 29.47
CA THR A 131 -21.36 -5.10 30.45
C THR A 131 -19.89 -4.76 30.18
N GLU A 132 -19.06 -5.79 30.18
CA GLU A 132 -17.63 -5.69 29.94
C GLU A 132 -17.39 -4.99 28.61
N CYS A 133 -18.10 -5.42 27.56
CA CYS A 133 -17.83 -4.86 26.25
C CYS A 133 -18.19 -3.36 26.24
N LEU A 134 -19.31 -3.00 26.87
CA LEU A 134 -19.78 -1.63 26.90
C LEU A 134 -18.76 -0.70 27.56
N PHE A 135 -18.26 -1.08 28.74
CA PHE A 135 -17.34 -0.20 29.44
C PHE A 135 -15.96 -0.17 28.75
N SER A 136 -15.57 -1.32 28.22
CA SER A 136 -14.34 -1.42 27.47
C SER A 136 -14.40 -0.43 26.31
N PHE A 137 -15.54 -0.36 25.58
CA PHE A 137 -15.53 0.49 24.39
C PHE A 137 -15.75 1.97 24.72
N ILE A 138 -16.39 2.27 25.84
CA ILE A 138 -16.46 3.65 26.32
C ILE A 138 -15.04 4.17 26.54
N CYS A 139 -14.16 3.29 27.04
CA CYS A 139 -12.75 3.59 27.23
C CYS A 139 -11.97 3.72 25.91
N SER A 140 -12.58 3.35 24.78
CA SER A 140 -11.84 3.24 23.53
C SER A 140 -11.70 4.56 22.79
N SER A 141 -12.44 5.60 23.21
CA SER A 141 -12.43 6.88 22.51
C SER A 141 -11.02 7.45 22.57
N ASN A 142 -10.50 7.82 21.40
CA ASN A 142 -9.22 8.51 21.24
C ASN A 142 -8.15 7.75 22.00
N ASN A 143 -8.03 6.45 21.74
CA ASN A 143 -7.24 5.58 22.60
C ASN A 143 -6.72 4.44 21.74
N ASN A 144 -5.71 3.73 22.23
CA ASN A 144 -5.22 2.56 21.50
C ASN A 144 -5.36 1.33 22.39
N ILE A 145 -5.20 0.17 21.71
CA ILE A 145 -5.38 -1.11 22.34
C ILE A 145 -4.59 -1.17 23.65
N ALA A 146 -3.30 -0.78 23.61
CA ALA A 146 -2.42 -0.99 24.74
C ALA A 146 -2.88 -0.19 25.95
N ARG A 147 -3.27 1.07 25.74
CA ARG A 147 -3.73 1.94 26.79
C ARG A 147 -5.11 1.53 27.34
N ILE A 148 -6.03 1.12 26.45
CA ILE A 148 -7.35 0.63 26.86
C ILE A 148 -7.12 -0.57 27.76
N THR A 149 -6.20 -1.45 27.35
CA THR A 149 -5.87 -2.67 28.07
C THR A 149 -5.51 -2.32 29.50
N GLY A 150 -4.65 -1.32 29.67
CA GLY A 150 -4.22 -0.89 31.01
C GLY A 150 -5.37 -0.27 31.83
N MET A 151 -6.12 0.61 31.19
CA MET A 151 -7.31 1.19 31.80
C MET A 151 -8.28 0.12 32.27
N VAL A 152 -8.55 -0.87 31.42
CA VAL A 152 -9.54 -1.88 31.76
C VAL A 152 -9.04 -2.72 32.92
N GLU A 153 -7.76 -3.09 32.85
CA GLU A 153 -7.15 -3.91 33.88
C GLU A 153 -7.13 -3.22 35.25
N ARG A 154 -6.83 -1.91 35.30
CA ARG A 154 -6.81 -1.20 36.57
C ARG A 154 -8.22 -1.03 37.06
N LEU A 155 -9.17 -0.83 36.12
CA LEU A 155 -10.57 -0.71 36.49
C LEU A 155 -10.99 -1.98 37.20
N CYS A 156 -10.62 -3.15 36.66
CA CYS A 156 -11.11 -4.39 37.24
C CYS A 156 -10.42 -4.67 38.60
N GLN A 157 -9.16 -4.27 38.75
CA GLN A 157 -8.46 -4.50 40.01
C GLN A 157 -9.06 -3.60 41.10
N ALA A 158 -9.41 -2.36 40.76
CA ALA A 158 -9.98 -1.44 41.72
C ALA A 158 -11.43 -1.75 42.05
N PHE A 159 -12.23 -2.34 41.14
CA PHE A 159 -13.68 -2.39 41.41
C PHE A 159 -14.27 -3.78 41.40
N GLY A 160 -13.60 -4.75 40.79
CA GLY A 160 -14.19 -6.06 40.71
C GLY A 160 -13.52 -7.07 41.64
N PRO A 161 -14.15 -8.25 41.82
CA PRO A 161 -13.66 -9.23 42.80
C PRO A 161 -12.36 -9.88 42.35
N ARG A 162 -11.52 -10.20 43.33
CA ARG A 162 -10.32 -10.94 43.05
C ARG A 162 -10.71 -12.36 42.68
N LEU A 163 -10.01 -12.92 41.69
CA LEU A 163 -10.26 -14.30 41.35
C LEU A 163 -9.09 -15.17 41.81
N ILE A 164 -7.89 -14.86 41.32
CA ILE A 164 -6.75 -15.73 41.56
C ILE A 164 -5.49 -14.96 41.19
N GLN A 165 -4.33 -15.45 41.68
CA GLN A 165 -3.04 -14.94 41.25
C GLN A 165 -2.21 -16.05 40.59
N LEU A 166 -1.47 -15.72 39.55
CA LEU A 166 -0.67 -16.68 38.83
C LEU A 166 0.64 -15.96 38.49
N ASP A 167 1.80 -16.49 38.92
CA ASP A 167 3.04 -15.72 38.82
C ASP A 167 2.76 -14.38 39.48
N ASP A 168 3.10 -13.24 38.86
CA ASP A 168 2.91 -11.94 39.51
C ASP A 168 1.61 -11.25 39.08
N VAL A 169 0.62 -12.00 38.55
CA VAL A 169 -0.54 -11.38 37.92
C VAL A 169 -1.78 -11.70 38.77
N THR A 170 -2.44 -10.67 39.31
CA THR A 170 -3.69 -10.91 40.02
C THR A 170 -4.84 -10.64 39.05
N TYR A 171 -5.77 -11.61 38.97
CA TYR A 171 -6.86 -11.53 38.02
C TYR A 171 -8.09 -11.10 38.80
N HIS A 172 -8.80 -10.13 38.25
CA HIS A 172 -10.11 -9.72 38.77
C HIS A 172 -11.25 -9.98 37.77
N GLY A 173 -12.44 -10.32 38.28
CA GLY A 173 -13.66 -10.28 37.48
C GLY A 173 -14.04 -8.87 37.06
N PHE A 174 -14.75 -8.74 35.95
CA PHE A 174 -15.28 -7.44 35.60
C PHE A 174 -16.32 -6.99 36.64
N PRO A 175 -16.29 -5.73 37.12
CA PRO A 175 -17.25 -5.31 38.15
C PRO A 175 -18.70 -5.22 37.66
N ASN A 176 -19.65 -5.26 38.60
CA ASN A 176 -21.06 -5.07 38.34
C ASN A 176 -21.30 -3.57 38.26
N LEU A 177 -22.50 -3.19 37.79
CA LEU A 177 -22.84 -1.82 37.47
C LEU A 177 -22.85 -1.04 38.77
N HIS A 178 -23.48 -1.62 39.80
CA HIS A 178 -23.62 -0.86 41.04
C HIS A 178 -22.24 -0.43 41.56
N ALA A 179 -21.20 -1.26 41.36
CA ALA A 179 -19.84 -0.92 41.76
C ALA A 179 -19.30 0.30 40.98
N LEU A 180 -19.64 0.46 39.70
CA LEU A 180 -19.08 1.56 38.91
C LEU A 180 -19.92 2.82 39.04
N ALA A 181 -21.09 2.72 39.68
CA ALA A 181 -22.06 3.81 39.74
C ALA A 181 -21.98 4.65 41.01
N GLY A 182 -21.07 4.31 41.93
CA GLY A 182 -21.08 4.85 43.27
C GLY A 182 -20.51 6.26 43.30
N PRO A 183 -20.59 6.96 44.44
CA PRO A 183 -20.31 8.40 44.49
C PRO A 183 -18.88 8.83 44.22
N GLU A 184 -17.90 7.99 44.59
CA GLU A 184 -16.50 8.32 44.39
C GLU A 184 -15.98 7.62 43.13
N ALA A 185 -16.86 6.95 42.37
CA ALA A 185 -16.40 6.05 41.32
C ALA A 185 -15.65 6.84 40.25
N GLU A 186 -16.09 8.04 39.96
CA GLU A 186 -15.50 8.80 38.88
C GLU A 186 -14.13 9.34 39.34
N THR A 187 -14.11 9.87 40.56
CA THR A 187 -12.88 10.37 41.13
C THR A 187 -11.84 9.24 41.12
N HIS A 188 -12.22 8.07 41.61
CA HIS A 188 -11.31 6.93 41.63
C HIS A 188 -10.81 6.62 40.21
N LEU A 189 -11.70 6.68 39.21
CA LEU A 189 -11.31 6.19 37.89
C LEU A 189 -10.31 7.17 37.27
N ARG A 190 -10.42 8.46 37.61
CA ARG A 190 -9.48 9.48 37.16
C ARG A 190 -8.10 9.25 37.78
N LYS A 191 -8.08 8.89 39.05
CA LYS A 191 -6.86 8.48 39.72
C LYS A 191 -6.26 7.29 38.95
N LEU A 192 -7.09 6.43 38.32
CA LEU A 192 -6.59 5.26 37.59
C LEU A 192 -6.27 5.62 36.15
N GLY A 193 -6.33 6.90 35.80
CA GLY A 193 -5.84 7.35 34.50
C GLY A 193 -6.84 7.30 33.35
N LEU A 194 -8.16 7.25 33.61
CA LEU A 194 -9.13 7.20 32.51
C LEU A 194 -9.45 8.58 31.95
N GLY A 195 -9.00 9.68 32.58
CA GLY A 195 -9.33 10.99 32.04
C GLY A 195 -10.84 11.23 31.96
N TYR A 196 -11.28 11.90 30.89
CA TYR A 196 -12.69 12.21 30.73
C TYR A 196 -13.57 10.93 30.67
N ARG A 197 -12.98 9.79 30.30
CA ARG A 197 -13.78 8.59 30.10
C ARG A 197 -14.34 8.14 31.44
N ALA A 198 -13.65 8.49 32.52
CA ALA A 198 -14.11 8.19 33.85
C ALA A 198 -15.53 8.66 34.11
N ARG A 199 -15.90 9.83 33.59
CA ARG A 199 -17.21 10.40 33.86
C ARG A 199 -18.30 9.57 33.16
N TYR A 200 -18.03 9.13 31.92
CA TYR A 200 -18.96 8.33 31.13
C TYR A 200 -19.15 6.91 31.66
N VAL A 201 -18.07 6.29 32.18
CA VAL A 201 -18.17 5.03 32.87
C VAL A 201 -19.17 5.11 34.02
N ARG A 202 -18.93 6.02 34.98
CA ARG A 202 -19.81 6.19 36.11
C ARG A 202 -21.25 6.51 35.66
N ALA A 203 -21.41 7.51 34.80
CA ALA A 203 -22.71 7.97 34.34
C ALA A 203 -23.50 6.90 33.56
N SER A 204 -22.83 6.09 32.72
CA SER A 204 -23.49 4.99 32.03
C SER A 204 -23.93 3.91 33.00
N ALA A 205 -23.12 3.63 34.01
CA ALA A 205 -23.47 2.62 34.99
C ALA A 205 -24.74 3.06 35.69
N LYS A 206 -24.76 4.34 36.07
CA LYS A 206 -25.90 4.86 36.78
C LYS A 206 -27.15 4.85 35.91
N ALA A 207 -27.01 5.25 34.64
CA ALA A 207 -28.14 5.32 33.73
C ALA A 207 -28.68 3.93 33.47
N ILE A 208 -27.83 2.92 33.26
CA ILE A 208 -28.40 1.60 33.03
C ILE A 208 -29.19 1.15 34.25
N LEU A 209 -28.59 1.35 35.43
CA LEU A 209 -29.21 0.96 36.68
C LEU A 209 -30.53 1.72 36.92
N GLU A 210 -30.53 3.05 36.79
CA GLU A 210 -31.67 3.82 37.26
C GLU A 210 -32.70 4.05 36.17
N GLU A 211 -32.27 4.19 34.91
CA GLU A 211 -33.19 4.50 33.81
C GLU A 211 -33.66 3.22 33.13
N GLN A 212 -32.92 2.11 33.22
CA GLN A 212 -33.17 0.96 32.36
C GLN A 212 -33.38 -0.34 33.11
N GLY A 213 -33.18 -0.34 34.41
CA GLY A 213 -33.50 -1.52 35.20
C GLY A 213 -32.37 -2.54 35.27
N GLY A 214 -31.13 -2.08 35.11
CA GLY A 214 -30.01 -2.96 35.38
C GLY A 214 -29.60 -3.77 34.16
N PRO A 215 -28.72 -4.78 34.30
CA PRO A 215 -28.17 -5.49 33.14
C PRO A 215 -29.16 -6.37 32.36
N ALA A 216 -30.35 -6.60 32.90
CA ALA A 216 -31.38 -7.29 32.12
C ALA A 216 -31.71 -6.52 30.84
N TRP A 217 -31.46 -5.20 30.84
CA TRP A 217 -31.69 -4.36 29.69
C TRP A 217 -30.72 -4.69 28.56
N LEU A 218 -29.46 -5.00 28.90
CA LEU A 218 -28.52 -5.34 27.84
C LEU A 218 -28.84 -6.70 27.20
N GLN A 219 -29.33 -7.68 27.98
CA GLN A 219 -29.82 -8.94 27.45
C GLN A 219 -31.04 -8.73 26.53
N GLN A 220 -31.98 -7.87 26.90
CA GLN A 220 -33.06 -7.53 25.98
C GLN A 220 -32.49 -6.96 24.67
N LEU A 221 -31.44 -6.10 24.71
CA LEU A 221 -30.91 -5.55 23.47
C LEU A 221 -30.32 -6.66 22.61
N ARG A 222 -29.86 -7.73 23.25
CA ARG A 222 -29.28 -8.86 22.55
C ARG A 222 -30.34 -9.56 21.71
N VAL A 223 -31.61 -9.59 22.13
CA VAL A 223 -32.60 -10.25 21.28
C VAL A 223 -33.41 -9.24 20.45
N ALA A 224 -33.28 -7.95 20.75
CA ALA A 224 -33.92 -6.95 19.92
C ALA A 224 -33.19 -6.82 18.57
N PRO A 225 -33.82 -6.25 17.53
CA PRO A 225 -33.12 -6.06 16.26
C PRO A 225 -32.02 -5.00 16.33
N TYR A 226 -31.09 -5.14 15.39
CA TYR A 226 -29.89 -4.33 15.29
C TYR A 226 -30.20 -2.87 15.49
N GLU A 227 -31.15 -2.36 14.69
CA GLU A 227 -31.42 -0.93 14.62
C GLU A 227 -31.94 -0.45 15.98
N GLU A 228 -32.72 -1.31 16.66
CA GLU A 228 -33.29 -0.93 17.94
C GLU A 228 -32.19 -0.91 19.04
N ALA A 229 -31.36 -1.95 19.10
CA ALA A 229 -30.27 -2.02 20.08
C ALA A 229 -29.32 -0.84 19.91
N HIS A 230 -28.97 -0.50 18.65
CA HIS A 230 -28.00 0.54 18.33
C HIS A 230 -28.48 1.90 18.86
N LYS A 231 -29.75 2.20 18.57
CA LYS A 231 -30.34 3.46 19.01
C LYS A 231 -30.41 3.55 20.54
N ALA A 232 -30.76 2.46 21.21
CA ALA A 232 -30.86 2.47 22.66
C ALA A 232 -29.48 2.68 23.31
N LEU A 233 -28.43 2.03 22.78
CA LEU A 233 -27.07 2.27 23.28
C LEU A 233 -26.67 3.72 23.11
N CYS A 234 -27.05 4.39 22.01
CA CYS A 234 -26.65 5.78 21.77
C CYS A 234 -27.36 6.78 22.72
N THR A 235 -28.35 6.34 23.50
CA THR A 235 -28.85 7.19 24.60
C THR A 235 -27.88 7.21 25.80
N LEU A 236 -26.85 6.35 25.85
CA LEU A 236 -25.92 6.34 26.97
C LEU A 236 -24.81 7.39 26.89
N PRO A 237 -24.42 8.00 28.04
CA PRO A 237 -23.25 8.86 28.12
C PRO A 237 -21.95 8.23 27.60
N GLY A 238 -21.34 8.87 26.60
CA GLY A 238 -20.08 8.40 26.04
C GLY A 238 -20.23 7.35 24.94
N VAL A 239 -21.46 6.89 24.68
CA VAL A 239 -21.68 5.97 23.59
C VAL A 239 -22.32 6.69 22.39
N GLY A 240 -21.60 6.77 21.26
CA GLY A 240 -22.17 7.16 19.98
C GLY A 240 -22.20 6.00 19.00
N ALA A 241 -22.41 6.32 17.73
CA ALA A 241 -22.63 5.34 16.67
C ALA A 241 -21.50 4.31 16.61
N LYS A 242 -20.26 4.76 16.81
CA LYS A 242 -19.11 3.87 16.61
C LYS A 242 -19.03 2.88 17.78
N VAL A 243 -19.10 3.40 18.98
CA VAL A 243 -19.03 2.57 20.17
C VAL A 243 -20.22 1.63 20.18
N ALA A 244 -21.40 2.15 19.86
CA ALA A 244 -22.60 1.33 19.89
C ALA A 244 -22.50 0.20 18.85
N ASP A 245 -21.92 0.50 17.68
CA ASP A 245 -21.77 -0.54 16.67
C ASP A 245 -20.78 -1.59 17.17
N CYS A 246 -19.74 -1.18 17.89
CA CYS A 246 -18.84 -2.19 18.42
C CYS A 246 -19.63 -3.13 19.32
N ILE A 247 -20.39 -2.57 20.28
CA ILE A 247 -21.11 -3.41 21.25
C ILE A 247 -22.11 -4.33 20.54
N CYS A 248 -22.82 -3.79 19.54
CA CYS A 248 -23.77 -4.55 18.74
C CYS A 248 -23.06 -5.74 18.12
N LEU A 249 -21.89 -5.50 17.53
CA LEU A 249 -21.16 -6.55 16.83
C LEU A 249 -20.58 -7.61 17.77
N MET A 250 -20.06 -7.14 18.90
CA MET A 250 -19.15 -7.97 19.66
C MET A 250 -19.90 -8.60 20.83
N ALA A 251 -21.10 -8.11 21.16
CA ALA A 251 -21.74 -8.59 22.38
C ALA A 251 -23.26 -8.78 22.26
N LEU A 252 -23.94 -8.17 21.26
CA LEU A 252 -25.38 -8.30 21.16
C LEU A 252 -25.82 -9.07 19.93
N ASP A 253 -24.94 -9.87 19.34
CA ASP A 253 -25.29 -10.78 18.25
C ASP A 253 -25.83 -10.01 17.05
N LYS A 254 -25.21 -8.85 16.72
CA LYS A 254 -25.52 -8.17 15.47
C LYS A 254 -24.35 -8.30 14.50
N PRO A 255 -24.27 -9.40 13.72
CA PRO A 255 -23.15 -9.60 12.81
C PRO A 255 -23.02 -8.59 11.67
N GLN A 256 -24.08 -7.82 11.40
CA GLN A 256 -24.11 -6.85 10.31
C GLN A 256 -23.65 -5.45 10.76
N ALA A 257 -23.30 -5.30 12.04
CA ALA A 257 -22.93 -3.97 12.53
C ALA A 257 -21.51 -3.67 12.08
N VAL A 258 -21.30 -2.50 11.47
CA VAL A 258 -20.04 -2.07 10.92
C VAL A 258 -19.66 -0.74 11.62
N PRO A 259 -18.76 -0.77 12.64
CA PRO A 259 -18.41 0.44 13.38
C PRO A 259 -17.54 1.29 12.47
N VAL A 260 -18.02 2.46 12.13
CA VAL A 260 -17.34 3.30 11.17
C VAL A 260 -16.58 4.40 11.91
N ASP A 261 -15.25 4.42 11.75
CA ASP A 261 -14.37 5.41 12.34
C ASP A 261 -13.39 5.85 11.26
N VAL A 262 -12.40 6.64 11.61
CA VAL A 262 -11.39 7.13 10.66
C VAL A 262 -10.63 5.99 9.99
N HIS A 263 -10.44 4.84 10.66
CA HIS A 263 -9.70 3.76 10.03
C HIS A 263 -10.52 3.06 8.93
N VAL A 264 -11.83 2.85 9.13
CA VAL A 264 -12.62 2.22 8.09
C VAL A 264 -12.81 3.17 6.92
N TRP A 265 -12.89 4.49 7.18
CA TRP A 265 -12.93 5.49 6.13
C TRP A 265 -11.71 5.36 5.21
N GLN A 266 -10.55 5.21 5.83
CA GLN A 266 -9.29 5.05 5.13
C GLN A 266 -9.28 3.76 4.30
N ILE A 267 -9.73 2.65 4.89
CA ILE A 267 -9.84 1.44 4.13
C ILE A 267 -10.80 1.64 2.96
N ALA A 268 -11.98 2.20 3.21
CA ALA A 268 -13.00 2.34 2.19
C ALA A 268 -12.43 3.09 0.99
N HIS A 269 -11.75 4.20 1.28
CA HIS A 269 -11.29 5.10 0.23
C HIS A 269 -10.12 4.48 -0.50
N ARG A 270 -9.14 3.99 0.28
CA ARG A 270 -7.89 3.54 -0.27
C ARG A 270 -8.10 2.22 -1.01
N ASP A 271 -8.68 1.26 -0.30
CA ASP A 271 -8.73 -0.12 -0.75
C ASP A 271 -9.94 -0.37 -1.65
N TYR A 272 -11.00 0.44 -1.52
CA TYR A 272 -12.25 0.22 -2.24
C TYR A 272 -12.58 1.36 -3.20
N GLY A 273 -11.88 2.51 -3.13
CA GLY A 273 -12.24 3.63 -3.99
C GLY A 273 -13.59 4.26 -3.66
N TRP A 274 -14.04 4.16 -2.40
CA TRP A 274 -15.35 4.69 -2.06
C TRP A 274 -15.24 6.18 -1.77
N HIS A 275 -16.29 6.89 -2.13
CA HIS A 275 -16.47 8.28 -1.76
C HIS A 275 -17.95 8.41 -1.46
N PRO A 276 -18.38 9.29 -0.53
CA PRO A 276 -19.81 9.47 -0.28
C PRO A 276 -20.55 9.86 -1.57
N LYS A 277 -21.72 9.29 -1.83
CA LYS A 277 -22.48 9.60 -3.04
C LYS A 277 -23.73 10.39 -2.64
N THR A 278 -24.62 9.75 -1.86
CA THR A 278 -25.86 10.35 -1.38
C THR A 278 -25.53 11.68 -0.70
N SER A 279 -24.61 11.63 0.27
CA SER A 279 -24.10 12.81 0.94
C SER A 279 -23.11 13.57 0.04
N GLN A 280 -22.77 14.80 0.46
CA GLN A 280 -21.81 15.62 -0.25
C GLN A 280 -20.75 16.20 0.67
N ALA A 281 -20.94 16.10 2.00
CA ALA A 281 -19.82 16.24 2.92
C ALA A 281 -18.78 15.20 2.56
N LYS A 282 -17.62 15.67 2.07
CA LYS A 282 -16.64 14.85 1.38
C LYS A 282 -15.82 14.00 2.36
N GLY A 283 -15.94 14.27 3.67
CA GLY A 283 -15.24 13.51 4.70
C GLY A 283 -16.20 13.06 5.79
N PRO A 284 -15.72 12.44 6.91
CA PRO A 284 -16.59 11.91 7.96
C PRO A 284 -17.66 12.92 8.40
N SER A 285 -18.85 12.40 8.67
CA SER A 285 -20.01 13.17 9.10
C SER A 285 -20.95 12.09 9.60
N PRO A 286 -21.89 12.39 10.50
CA PRO A 286 -22.86 11.36 10.89
C PRO A 286 -23.50 10.67 9.68
N LEU A 287 -23.90 11.43 8.67
CA LEU A 287 -24.63 10.87 7.55
C LEU A 287 -23.72 10.06 6.61
N ALA A 288 -22.54 10.61 6.28
CA ALA A 288 -21.62 9.89 5.43
C ALA A 288 -21.13 8.61 6.13
N ASN A 289 -20.98 8.63 7.45
CA ASN A 289 -20.59 7.41 8.15
C ASN A 289 -21.68 6.34 8.12
N LYS A 290 -22.95 6.75 8.29
CA LYS A 290 -24.05 5.82 8.15
C LYS A 290 -24.04 5.25 6.74
N GLU A 291 -23.83 6.10 5.75
CA GLU A 291 -23.84 5.67 4.36
C GLU A 291 -22.72 4.65 4.11
N LEU A 292 -21.56 4.82 4.79
CA LEU A 292 -20.46 3.91 4.52
C LEU A 292 -20.73 2.57 5.18
N GLY A 293 -21.43 2.57 6.30
CA GLY A 293 -21.83 1.31 6.91
C GLY A 293 -22.77 0.53 6.01
N ASN A 294 -23.76 1.25 5.44
CA ASN A 294 -24.66 0.66 4.45
C ASN A 294 -23.89 0.09 3.24
N PHE A 295 -22.86 0.77 2.72
CA PHE A 295 -22.08 0.29 1.58
C PHE A 295 -21.48 -1.08 1.87
N PHE A 296 -20.90 -1.26 3.06
CA PHE A 296 -20.25 -2.51 3.42
C PHE A 296 -21.28 -3.62 3.61
N ARG A 297 -22.42 -3.26 4.21
CA ARG A 297 -23.45 -4.25 4.40
C ARG A 297 -23.95 -4.73 3.01
N ASN A 298 -24.08 -3.78 2.10
CA ASN A 298 -24.60 -4.04 0.76
C ASN A 298 -23.64 -4.99 0.04
N LEU A 299 -22.35 -4.75 0.20
CA LEU A 299 -21.33 -5.56 -0.45
C LEU A 299 -21.25 -6.96 0.15
N TRP A 300 -21.11 -7.03 1.48
CA TRP A 300 -20.65 -8.26 2.08
C TRP A 300 -21.84 -9.07 2.51
N GLY A 301 -22.99 -8.40 2.77
CA GLY A 301 -24.14 -9.15 3.28
C GLY A 301 -24.31 -9.07 4.81
N PRO A 302 -25.14 -9.90 5.44
CA PRO A 302 -25.43 -9.72 6.87
C PRO A 302 -24.39 -10.13 7.93
N TYR A 303 -23.20 -10.61 7.52
CA TYR A 303 -22.01 -10.75 8.39
C TYR A 303 -20.91 -9.75 8.01
N ALA A 304 -21.32 -8.57 7.56
CA ALA A 304 -20.42 -7.47 7.22
C ALA A 304 -19.50 -7.10 8.38
N GLY A 305 -20.03 -7.10 9.61
CA GLY A 305 -19.21 -6.80 10.77
C GLY A 305 -17.98 -7.70 10.90
N TRP A 306 -18.13 -8.98 10.58
CA TRP A 306 -17.07 -9.97 10.71
C TRP A 306 -16.02 -9.78 9.62
N ALA A 307 -16.49 -9.48 8.39
CA ALA A 307 -15.63 -9.21 7.27
C ALA A 307 -14.68 -8.08 7.61
N GLN A 308 -15.21 -6.96 8.10
CA GLN A 308 -14.40 -5.78 8.37
C GLN A 308 -13.43 -6.05 9.52
N ALA A 309 -13.78 -7.03 10.37
CA ALA A 309 -12.92 -7.46 11.45
C ALA A 309 -11.62 -8.08 10.91
N VAL A 310 -11.72 -8.82 9.82
CA VAL A 310 -10.56 -9.43 9.19
C VAL A 310 -9.60 -8.33 8.77
N LEU A 311 -10.12 -7.25 8.15
CA LEU A 311 -9.26 -6.18 7.64
C LEU A 311 -8.61 -5.42 8.79
N PHE A 312 -9.34 -5.24 9.90
CA PHE A 312 -8.77 -4.59 11.09
C PHE A 312 -7.58 -5.39 11.65
N SER A 313 -7.74 -6.71 11.91
CA SER A 313 -6.64 -7.51 12.41
C SER A 313 -5.45 -7.55 11.45
N ALA A 314 -5.75 -7.63 10.15
CA ALA A 314 -4.76 -7.59 9.09
C ALA A 314 -3.93 -6.32 9.20
N ASP A 315 -4.63 -5.20 9.27
CA ASP A 315 -3.98 -3.91 9.28
C ASP A 315 -3.15 -3.72 10.56
N LEU A 316 -3.45 -4.42 11.67
CA LEU A 316 -2.70 -4.21 12.91
C LEU A 316 -1.26 -4.76 12.85
N ARG A 317 -0.91 -5.60 11.87
CA ARG A 317 0.46 -6.09 11.69
C ARG A 317 1.31 -5.21 10.76
N HIS B 3 1.18 -43.85 -23.22
CA HIS B 3 1.18 -42.37 -23.35
C HIS B 3 2.49 -41.81 -22.82
N MET B 4 3.11 -40.93 -23.63
CA MET B 4 4.51 -40.49 -23.54
C MET B 4 4.82 -39.69 -22.28
N ARG B 5 6.08 -39.23 -22.19
CA ARG B 5 6.61 -38.47 -21.05
C ARG B 5 6.53 -36.96 -21.28
N HIS B 6 6.17 -36.22 -20.22
CA HIS B 6 6.45 -34.80 -20.11
C HIS B 6 7.92 -34.57 -19.78
N ARG B 7 8.58 -33.74 -20.59
CA ARG B 7 10.02 -33.60 -20.58
C ARG B 7 10.47 -32.55 -19.57
N THR B 8 11.66 -32.80 -18.98
CA THR B 8 12.49 -31.77 -18.35
C THR B 8 13.73 -31.62 -19.22
N LEU B 9 14.58 -30.63 -18.90
CA LEU B 9 15.60 -30.15 -19.84
C LEU B 9 16.86 -31.01 -19.87
N SER B 10 17.19 -31.65 -18.75
CA SER B 10 18.18 -32.71 -18.77
C SER B 10 17.51 -34.03 -18.41
N SER B 11 16.25 -34.20 -18.82
CA SER B 11 15.64 -35.50 -19.05
C SER B 11 15.85 -35.91 -20.52
N SER B 12 15.73 -34.94 -21.42
CA SER B 12 15.62 -35.21 -22.85
C SER B 12 16.56 -34.31 -23.66
N PRO B 13 17.74 -33.91 -23.12
CA PRO B 13 18.46 -32.72 -23.59
C PRO B 13 18.75 -32.70 -25.09
N ALA B 14 18.78 -33.87 -25.71
CA ALA B 14 18.98 -33.96 -27.16
C ALA B 14 17.97 -33.10 -27.90
N LEU B 15 16.71 -33.13 -27.44
CA LEU B 15 15.56 -32.82 -28.28
C LEU B 15 15.17 -31.33 -28.30
N TRP B 16 15.71 -30.51 -27.38
CA TRP B 16 15.32 -29.12 -27.22
C TRP B 16 16.14 -28.20 -28.15
N ALA B 17 15.52 -27.12 -28.65
CA ALA B 17 16.20 -26.03 -29.36
C ALA B 17 16.30 -24.78 -28.45
N SER B 18 16.72 -23.62 -29.02
CA SER B 18 16.88 -22.40 -28.23
C SER B 18 16.78 -21.14 -29.09
N ILE B 19 16.34 -20.04 -28.45
CA ILE B 19 16.25 -18.71 -29.04
C ILE B 19 16.98 -17.71 -28.15
N PRO B 20 17.73 -16.72 -28.72
CA PRO B 20 18.39 -15.68 -27.93
C PRO B 20 17.35 -14.78 -27.26
N CYS B 21 17.16 -14.96 -25.95
CA CYS B 21 16.17 -14.16 -25.24
C CYS B 21 16.58 -13.88 -23.81
N PRO B 22 17.03 -12.63 -23.50
CA PRO B 22 17.39 -12.28 -22.13
C PRO B 22 16.14 -12.36 -21.25
N ARG B 23 16.33 -12.91 -20.04
CA ARG B 23 15.32 -12.83 -18.99
C ARG B 23 14.69 -11.42 -18.97
N SER B 24 15.48 -10.38 -19.20
CA SER B 24 14.99 -9.01 -19.07
C SER B 24 13.80 -8.79 -20.00
N GLU B 25 13.81 -9.47 -21.17
CA GLU B 25 12.83 -9.30 -22.22
C GLU B 25 11.56 -10.15 -22.03
N LEU B 26 11.62 -11.22 -21.22
CA LEU B 26 10.51 -12.13 -21.07
C LEU B 26 10.75 -13.03 -19.85
N ARG B 27 9.80 -13.01 -18.91
CA ARG B 27 9.81 -13.90 -17.77
C ARG B 27 8.60 -14.83 -17.84
N LEU B 28 8.81 -16.08 -18.28
CA LEU B 28 7.73 -16.98 -18.59
C LEU B 28 6.69 -16.98 -17.48
N ASP B 29 7.16 -16.94 -16.24
CA ASP B 29 6.33 -17.16 -15.06
C ASP B 29 5.50 -15.92 -14.70
N LEU B 30 5.77 -14.76 -15.31
CA LEU B 30 4.91 -13.60 -15.16
C LEU B 30 3.94 -13.43 -16.36
N VAL B 31 3.92 -14.38 -17.30
CA VAL B 31 3.19 -14.21 -18.55
C VAL B 31 2.27 -15.40 -18.83
N LEU B 32 2.78 -16.62 -18.70
CA LEU B 32 2.06 -17.74 -19.29
C LEU B 32 0.78 -18.06 -18.51
N ALA B 33 0.77 -17.79 -17.21
CA ALA B 33 -0.41 -18.03 -16.40
C ALA B 33 -0.82 -16.75 -15.67
N SER B 34 -0.57 -15.60 -16.31
CA SER B 34 -0.99 -14.33 -15.74
C SER B 34 -2.12 -13.69 -16.57
N GLY B 35 -3.09 -14.51 -17.00
CA GLY B 35 -4.37 -14.05 -17.51
C GLY B 35 -4.37 -13.54 -18.95
N GLN B 36 -3.46 -14.06 -19.78
CA GLN B 36 -3.51 -13.78 -21.21
C GLN B 36 -3.97 -15.03 -21.94
N SER B 37 -3.11 -16.05 -21.94
CA SER B 37 -3.48 -17.41 -22.31
C SER B 37 -3.95 -18.14 -21.06
N PHE B 38 -4.82 -19.17 -21.25
CA PHE B 38 -5.27 -19.99 -20.13
C PHE B 38 -4.87 -21.44 -20.37
N ARG B 39 -3.91 -21.67 -21.28
CA ARG B 39 -3.65 -23.01 -21.81
C ARG B 39 -2.18 -23.42 -21.54
N TRP B 40 -1.49 -22.75 -20.62
CA TRP B 40 -0.14 -23.11 -20.20
C TRP B 40 -0.15 -23.53 -18.74
N LYS B 41 0.45 -24.67 -18.39
CA LYS B 41 0.61 -25.08 -17.00
C LYS B 41 2.06 -25.46 -16.76
N GLU B 42 2.54 -25.18 -15.54
CA GLU B 42 3.89 -25.58 -15.14
C GLU B 42 3.78 -27.03 -14.66
N GLN B 43 4.08 -27.98 -15.54
CA GLN B 43 3.93 -29.39 -15.19
C GLN B 43 5.05 -29.76 -14.22
N SER B 44 6.31 -29.60 -14.66
CA SER B 44 7.47 -29.77 -13.80
C SER B 44 8.21 -28.43 -13.66
N PRO B 45 8.83 -28.12 -12.51
CA PRO B 45 9.65 -26.91 -12.35
C PRO B 45 10.23 -26.27 -13.61
N ALA B 46 9.72 -25.06 -13.93
CA ALA B 46 10.18 -24.20 -15.01
C ALA B 46 9.87 -24.78 -16.38
N HIS B 47 8.97 -25.79 -16.42
CA HIS B 47 8.62 -26.49 -17.66
C HIS B 47 7.11 -26.35 -17.92
N TRP B 48 6.75 -25.22 -18.55
CA TRP B 48 5.38 -24.82 -18.88
C TRP B 48 4.93 -25.52 -20.16
N SER B 49 3.85 -26.30 -20.10
CA SER B 49 3.46 -27.00 -21.31
C SER B 49 2.08 -26.51 -21.75
N GLY B 50 1.85 -26.46 -23.06
CA GLY B 50 0.61 -25.94 -23.61
C GLY B 50 0.53 -26.03 -25.14
N VAL B 51 -0.62 -25.62 -25.68
CA VAL B 51 -0.96 -25.82 -27.07
C VAL B 51 -0.89 -24.49 -27.79
N LEU B 52 -0.25 -24.51 -28.98
CA LEU B 52 -0.40 -23.48 -29.99
C LEU B 52 -0.73 -24.11 -31.34
N ALA B 53 -1.80 -23.59 -31.95
CA ALA B 53 -2.17 -23.94 -33.30
C ALA B 53 -2.02 -25.45 -33.47
N ASP B 54 -2.80 -26.19 -32.70
CA ASP B 54 -2.91 -27.63 -32.88
C ASP B 54 -1.56 -28.35 -32.68
N GLN B 55 -0.71 -27.84 -31.76
CA GLN B 55 0.54 -28.51 -31.37
C GLN B 55 0.84 -28.22 -29.90
N VAL B 56 1.54 -29.12 -29.23
CA VAL B 56 1.86 -28.97 -27.83
C VAL B 56 3.34 -28.61 -27.68
N TRP B 57 3.64 -27.79 -26.66
CA TRP B 57 4.99 -27.36 -26.38
C TRP B 57 5.28 -27.53 -24.90
N THR B 58 6.58 -27.60 -24.58
CA THR B 58 7.08 -27.37 -23.24
C THR B 58 8.21 -26.36 -23.35
N LEU B 59 8.33 -25.50 -22.33
CA LEU B 59 9.12 -24.29 -22.45
C LEU B 59 9.93 -24.09 -21.19
N THR B 60 11.15 -23.59 -21.35
CA THR B 60 11.92 -23.15 -20.19
C THR B 60 12.90 -22.09 -20.69
N GLN B 61 13.66 -21.48 -19.79
CA GLN B 61 14.62 -20.48 -20.24
C GLN B 61 15.69 -20.29 -19.18
N THR B 62 16.78 -19.63 -19.60
CA THR B 62 17.92 -19.38 -18.73
C THR B 62 17.94 -17.88 -18.43
N GLU B 63 19.07 -17.37 -17.93
CA GLU B 63 19.19 -15.94 -17.70
C GLU B 63 19.35 -15.24 -19.05
N ASP B 64 19.13 -15.99 -20.11
CA ASP B 64 19.99 -15.86 -21.27
C ASP B 64 19.27 -16.36 -22.53
N GLN B 65 18.61 -17.54 -22.48
CA GLN B 65 18.01 -18.11 -23.68
C GLN B 65 16.62 -18.71 -23.42
N LEU B 66 15.78 -18.68 -24.46
CA LEU B 66 14.48 -19.36 -24.41
C LEU B 66 14.60 -20.79 -24.95
N TYR B 67 14.64 -21.74 -24.02
CA TYR B 67 14.73 -23.16 -24.35
C TYR B 67 13.32 -23.70 -24.53
N CYS B 68 13.17 -24.69 -25.41
CA CYS B 68 11.86 -25.23 -25.69
C CYS B 68 11.97 -26.63 -26.28
N THR B 69 10.80 -27.23 -26.59
CA THR B 69 10.68 -28.54 -27.20
C THR B 69 9.21 -28.79 -27.54
N VAL B 70 8.97 -29.37 -28.71
CA VAL B 70 7.64 -29.57 -29.26
C VAL B 70 7.24 -31.06 -29.15
N TYR B 71 5.93 -31.34 -29.17
CA TYR B 71 5.42 -32.68 -29.37
C TYR B 71 4.35 -32.64 -30.46
N ARG B 72 4.46 -33.51 -31.47
CA ARG B 72 3.97 -33.20 -32.80
C ARG B 72 2.56 -33.74 -33.05
N GLY B 73 2.33 -35.03 -32.76
CA GLY B 73 1.00 -35.61 -32.87
C GLY B 73 1.02 -37.13 -32.90
N ASP B 74 -0.11 -37.72 -33.33
CA ASP B 74 -0.16 -39.11 -33.75
C ASP B 74 0.88 -39.35 -34.85
N ASP B 75 1.23 -38.26 -35.55
CA ASP B 75 1.96 -38.29 -36.81
C ASP B 75 3.38 -38.82 -36.55
N SER B 76 3.96 -38.47 -35.40
CA SER B 76 4.94 -39.28 -34.70
C SER B 76 6.18 -39.55 -35.56
N GLN B 77 7.16 -38.63 -35.47
CA GLN B 77 8.49 -38.80 -36.01
C GLN B 77 9.50 -38.74 -34.85
N VAL B 78 9.40 -37.64 -34.08
CA VAL B 78 10.09 -37.36 -32.81
C VAL B 78 11.28 -36.41 -33.07
N SER B 79 11.20 -35.57 -34.11
CA SER B 79 12.24 -34.58 -34.38
C SER B 79 12.13 -33.40 -33.41
N ARG B 80 13.28 -32.82 -33.06
CA ARG B 80 13.42 -31.57 -32.34
C ARG B 80 12.49 -30.49 -32.90
N PRO B 81 12.24 -29.38 -32.17
CA PRO B 81 11.50 -28.23 -32.73
C PRO B 81 12.21 -27.70 -33.97
N THR B 82 11.46 -27.47 -35.06
CA THR B 82 12.08 -27.03 -36.30
C THR B 82 12.33 -25.53 -36.31
N LEU B 83 12.61 -25.01 -37.52
CA LEU B 83 12.83 -23.60 -37.77
C LEU B 83 11.49 -22.86 -37.79
N GLU B 84 10.57 -23.25 -38.68
CA GLU B 84 9.33 -22.51 -38.93
C GLU B 84 8.51 -22.47 -37.64
N GLU B 85 8.57 -23.59 -36.91
CA GLU B 85 7.95 -23.77 -35.61
C GLU B 85 8.65 -22.88 -34.58
N LEU B 86 9.94 -22.55 -34.80
CA LEU B 86 10.65 -21.63 -33.93
C LEU B 86 10.34 -20.18 -34.33
N GLU B 87 10.07 -19.90 -35.60
CA GLU B 87 9.62 -18.57 -35.99
C GLU B 87 8.24 -18.32 -35.42
N THR B 88 7.51 -19.42 -35.17
CA THR B 88 6.14 -19.34 -34.71
C THR B 88 6.18 -18.85 -33.28
N LEU B 89 7.06 -19.46 -32.48
CA LEU B 89 7.19 -19.18 -31.06
C LEU B 89 7.76 -17.78 -30.83
N HIS B 90 8.54 -17.26 -31.79
CA HIS B 90 9.16 -15.95 -31.67
C HIS B 90 8.12 -14.85 -31.92
N LYS B 91 7.18 -15.07 -32.84
CA LYS B 91 6.15 -14.08 -33.10
C LYS B 91 5.04 -14.10 -32.01
N TYR B 92 4.82 -15.27 -31.39
CA TYR B 92 3.86 -15.43 -30.31
C TYR B 92 4.25 -14.55 -29.14
N PHE B 93 5.57 -14.48 -28.85
CA PHE B 93 6.12 -13.66 -27.78
C PHE B 93 6.51 -12.27 -28.26
N GLN B 94 6.18 -11.93 -29.50
CA GLN B 94 6.41 -10.62 -30.10
C GLN B 94 7.83 -10.09 -29.81
N LEU B 95 8.86 -10.93 -29.94
CA LEU B 95 10.20 -10.57 -29.51
C LEU B 95 10.88 -9.50 -30.34
N ASP B 96 10.34 -9.13 -31.51
CA ASP B 96 10.78 -7.92 -32.19
C ASP B 96 10.74 -6.73 -31.23
N VAL B 97 9.63 -6.65 -30.48
CA VAL B 97 9.35 -5.51 -29.62
C VAL B 97 10.31 -5.55 -28.42
N SER B 98 11.01 -4.42 -28.23
CA SER B 98 12.01 -4.27 -27.17
C SER B 98 11.33 -3.72 -25.93
N LEU B 99 11.42 -4.53 -24.88
CA LEU B 99 10.78 -4.27 -23.60
C LEU B 99 11.65 -3.34 -22.77
N ALA B 100 12.98 -3.42 -22.99
CA ALA B 100 13.94 -2.46 -22.43
C ALA B 100 13.55 -1.04 -22.80
N GLN B 101 13.16 -0.82 -24.05
CA GLN B 101 12.78 0.49 -24.52
C GLN B 101 11.43 0.94 -23.95
N LEU B 102 10.48 0.00 -23.80
CA LEU B 102 9.14 0.40 -23.35
C LEU B 102 9.17 0.72 -21.84
N TYR B 103 9.80 -0.14 -21.03
CA TYR B 103 9.88 0.06 -19.59
C TYR B 103 10.58 1.35 -19.23
N SER B 104 11.60 1.72 -20.03
CA SER B 104 12.36 2.94 -19.82
C SER B 104 11.51 4.15 -20.22
N HIS B 105 10.81 4.10 -21.36
CA HIS B 105 9.86 5.15 -21.68
C HIS B 105 8.85 5.27 -20.54
N TRP B 106 8.28 4.14 -20.11
CA TRP B 106 7.22 4.21 -19.12
C TRP B 106 7.74 4.77 -17.81
N ALA B 107 8.86 4.26 -17.32
CA ALA B 107 9.43 4.72 -16.06
C ALA B 107 9.76 6.20 -16.12
N SER B 108 10.04 6.73 -17.32
CA SER B 108 10.53 8.09 -17.47
C SER B 108 9.39 9.08 -17.29
N VAL B 109 8.14 8.64 -17.53
CA VAL B 109 7.00 9.55 -17.48
C VAL B 109 6.10 9.28 -16.27
N ASP B 110 6.45 8.27 -15.46
CA ASP B 110 5.57 7.74 -14.42
C ASP B 110 6.42 7.13 -13.31
N SER B 111 6.46 7.80 -12.15
CA SER B 111 7.23 7.35 -10.99
C SER B 111 6.62 6.09 -10.35
N HIS B 112 5.29 5.95 -10.41
CA HIS B 112 4.69 4.77 -9.81
C HIS B 112 5.17 3.53 -10.56
N PHE B 113 5.12 3.59 -11.89
CA PHE B 113 5.56 2.48 -12.72
C PHE B 113 7.00 2.12 -12.39
N GLN B 114 7.84 3.16 -12.34
CA GLN B 114 9.27 3.03 -12.08
C GLN B 114 9.50 2.16 -10.86
N ARG B 115 8.79 2.43 -9.77
CA ARG B 115 8.89 1.64 -8.56
C ARG B 115 8.49 0.17 -8.79
N VAL B 116 7.27 -0.05 -9.29
CA VAL B 116 6.72 -1.37 -9.43
C VAL B 116 7.57 -2.22 -10.38
N ALA B 117 8.10 -1.59 -11.43
CA ALA B 117 8.76 -2.28 -12.54
C ALA B 117 10.04 -3.00 -12.11
N GLN B 118 10.77 -2.43 -11.15
CA GLN B 118 12.06 -2.96 -10.73
C GLN B 118 12.00 -4.45 -10.41
N LYS B 119 10.93 -4.88 -9.74
CA LYS B 119 10.79 -6.27 -9.33
C LYS B 119 9.99 -7.09 -10.35
N PHE B 120 9.55 -6.48 -11.45
CA PHE B 120 8.71 -7.17 -12.40
C PHE B 120 9.17 -6.86 -13.83
N GLN B 121 10.42 -7.25 -14.08
CA GLN B 121 11.00 -7.29 -15.40
C GLN B 121 10.31 -8.37 -16.25
N GLY B 122 10.09 -8.06 -17.53
CA GLY B 122 9.88 -9.09 -18.54
C GLY B 122 8.41 -9.49 -18.72
N VAL B 123 7.48 -8.59 -18.38
CA VAL B 123 6.07 -8.79 -18.68
C VAL B 123 5.80 -8.19 -20.05
N ARG B 124 5.48 -9.08 -21.01
CA ARG B 124 5.05 -8.62 -22.31
C ARG B 124 3.72 -9.31 -22.64
N LEU B 125 3.21 -8.94 -23.80
CA LEU B 125 1.96 -9.42 -24.32
C LEU B 125 2.22 -10.52 -25.32
N LEU B 126 1.47 -11.60 -25.14
CA LEU B 126 1.43 -12.63 -26.15
C LEU B 126 0.62 -12.10 -27.31
N ARG B 127 0.92 -12.61 -28.49
CA ARG B 127 0.11 -12.38 -29.67
C ARG B 127 -0.73 -13.63 -29.98
N GLN B 128 -2.02 -13.62 -29.61
CA GLN B 128 -2.77 -14.86 -29.57
C GLN B 128 -3.61 -15.01 -30.84
N ASP B 129 -4.00 -16.26 -31.11
CA ASP B 129 -5.01 -16.56 -32.12
C ASP B 129 -6.34 -15.85 -31.78
N PRO B 130 -6.96 -15.07 -32.70
CA PRO B 130 -8.15 -14.31 -32.39
C PRO B 130 -9.32 -15.19 -31.95
N THR B 131 -9.48 -16.35 -32.59
CA THR B 131 -10.57 -17.23 -32.24
C THR B 131 -10.43 -17.60 -30.76
N GLU B 132 -9.22 -18.04 -30.38
CA GLU B 132 -9.05 -18.61 -29.07
C GLU B 132 -9.25 -17.47 -28.08
N CYS B 133 -8.75 -16.27 -28.42
CA CYS B 133 -8.78 -15.19 -27.45
C CYS B 133 -10.24 -14.77 -27.20
N LEU B 134 -11.06 -14.77 -28.24
CA LEU B 134 -12.43 -14.31 -28.21
C LEU B 134 -13.22 -15.18 -27.22
N PHE B 135 -13.12 -16.49 -27.40
CA PHE B 135 -13.95 -17.42 -26.68
C PHE B 135 -13.39 -17.59 -25.28
N SER B 136 -12.06 -17.53 -25.12
CA SER B 136 -11.52 -17.59 -23.78
C SER B 136 -12.07 -16.43 -22.97
N PHE B 137 -12.15 -15.25 -23.59
CA PHE B 137 -12.47 -14.07 -22.79
C PHE B 137 -13.97 -13.90 -22.60
N ILE B 138 -14.78 -14.45 -23.52
CA ILE B 138 -16.19 -14.65 -23.25
C ILE B 138 -16.33 -15.54 -22.00
N CYS B 139 -15.47 -16.56 -21.82
CA CYS B 139 -15.55 -17.33 -20.60
C CYS B 139 -15.07 -16.52 -19.38
N SER B 140 -14.66 -15.24 -19.52
CA SER B 140 -13.95 -14.53 -18.44
C SER B 140 -14.86 -13.73 -17.51
N SER B 141 -16.08 -13.42 -17.96
CA SER B 141 -17.06 -12.68 -17.18
C SER B 141 -17.30 -13.32 -15.82
N ASN B 142 -17.21 -12.51 -14.76
CA ASN B 142 -17.51 -12.93 -13.40
C ASN B 142 -16.73 -14.19 -13.10
N ASN B 143 -15.42 -14.10 -13.33
CA ASN B 143 -14.59 -15.28 -13.16
C ASN B 143 -13.19 -14.85 -12.78
N ASN B 144 -12.39 -15.85 -12.39
CA ASN B 144 -11.00 -15.66 -12.04
C ASN B 144 -10.15 -16.57 -12.95
N ILE B 145 -8.82 -16.47 -12.83
CA ILE B 145 -7.91 -17.11 -13.77
C ILE B 145 -8.01 -18.63 -13.66
N ALA B 146 -7.88 -19.20 -12.44
CA ALA B 146 -8.01 -20.64 -12.24
C ALA B 146 -9.28 -21.24 -12.89
N ARG B 147 -10.46 -20.62 -12.71
CA ARG B 147 -11.72 -21.24 -13.14
C ARG B 147 -11.93 -21.09 -14.63
N ILE B 148 -11.51 -19.95 -15.21
CA ILE B 148 -11.45 -19.80 -16.66
C ILE B 148 -10.60 -20.94 -17.26
N THR B 149 -9.47 -21.22 -16.63
CA THR B 149 -8.58 -22.29 -17.11
C THR B 149 -9.37 -23.59 -17.23
N GLY B 150 -10.10 -23.93 -16.15
CA GLY B 150 -10.90 -25.15 -16.10
C GLY B 150 -11.92 -25.20 -17.23
N MET B 151 -12.59 -24.08 -17.46
CA MET B 151 -13.63 -24.00 -18.48
C MET B 151 -13.04 -24.14 -19.89
N VAL B 152 -11.88 -23.47 -20.13
CA VAL B 152 -11.32 -23.47 -21.47
C VAL B 152 -10.85 -24.89 -21.78
N GLU B 153 -10.22 -25.52 -20.80
CA GLU B 153 -9.78 -26.90 -20.96
C GLU B 153 -10.93 -27.85 -21.33
N ARG B 154 -12.05 -27.76 -20.59
CA ARG B 154 -13.16 -28.67 -20.84
C ARG B 154 -13.80 -28.34 -22.18
N LEU B 155 -13.83 -27.05 -22.51
CA LEU B 155 -14.38 -26.65 -23.80
C LEU B 155 -13.59 -27.29 -24.95
N CYS B 156 -12.25 -27.28 -24.85
CA CYS B 156 -11.38 -27.79 -25.89
C CYS B 156 -11.50 -29.33 -26.02
N GLN B 157 -11.54 -30.04 -24.89
CA GLN B 157 -11.73 -31.48 -24.83
C GLN B 157 -12.98 -31.91 -25.62
N ALA B 158 -14.07 -31.16 -25.41
CA ALA B 158 -15.38 -31.51 -25.94
C ALA B 158 -15.55 -31.14 -27.41
N PHE B 159 -14.83 -30.11 -27.93
CA PHE B 159 -15.15 -29.55 -29.25
C PHE B 159 -13.94 -29.50 -30.20
N GLY B 160 -12.73 -29.64 -29.67
CA GLY B 160 -11.56 -29.44 -30.50
C GLY B 160 -10.85 -30.76 -30.77
N PRO B 161 -9.93 -30.83 -31.76
CA PRO B 161 -9.24 -32.09 -32.08
C PRO B 161 -8.31 -32.59 -30.97
N ARG B 162 -8.42 -33.89 -30.67
CA ARG B 162 -7.48 -34.59 -29.79
C ARG B 162 -6.10 -34.65 -30.46
N LEU B 163 -5.07 -34.11 -29.79
CA LEU B 163 -3.73 -34.00 -30.35
C LEU B 163 -2.84 -35.14 -29.88
N ILE B 164 -2.51 -35.20 -28.57
CA ILE B 164 -1.68 -36.23 -27.97
C ILE B 164 -1.87 -36.22 -26.46
N GLN B 165 -1.29 -37.24 -25.84
CA GLN B 165 -1.26 -37.39 -24.40
C GLN B 165 0.17 -37.43 -23.91
N LEU B 166 0.35 -36.92 -22.70
CA LEU B 166 1.63 -36.83 -22.01
C LEU B 166 1.34 -36.96 -20.54
N ASP B 167 2.08 -37.85 -19.86
CA ASP B 167 1.70 -38.28 -18.51
C ASP B 167 0.17 -38.49 -18.55
N ASP B 168 -0.57 -37.92 -17.59
CA ASP B 168 -2.01 -38.14 -17.53
C ASP B 168 -2.78 -36.97 -18.15
N VAL B 169 -2.10 -36.17 -18.99
CA VAL B 169 -2.73 -35.00 -19.60
C VAL B 169 -3.00 -35.27 -21.08
N THR B 170 -4.29 -35.23 -21.48
CA THR B 170 -4.67 -35.27 -22.88
C THR B 170 -4.88 -33.85 -23.41
N TYR B 171 -4.23 -33.52 -24.53
CA TYR B 171 -4.24 -32.16 -25.04
C TYR B 171 -5.08 -32.10 -26.32
N HIS B 172 -5.86 -31.01 -26.43
CA HIS B 172 -6.69 -30.76 -27.59
C HIS B 172 -6.39 -29.40 -28.20
N GLY B 173 -6.49 -29.32 -29.54
CA GLY B 173 -6.49 -28.05 -30.22
C GLY B 173 -7.71 -27.23 -29.88
N PHE B 174 -7.64 -25.92 -30.16
CA PHE B 174 -8.77 -25.07 -29.84
C PHE B 174 -9.85 -25.24 -30.90
N PRO B 175 -11.14 -25.32 -30.54
CA PRO B 175 -12.19 -25.57 -31.55
C PRO B 175 -12.38 -24.46 -32.57
N ASN B 176 -12.82 -24.84 -33.78
CA ASN B 176 -13.11 -23.83 -34.78
C ASN B 176 -14.55 -23.37 -34.53
N LEU B 177 -14.92 -22.28 -35.19
CA LEU B 177 -16.25 -21.72 -35.07
C LEU B 177 -17.31 -22.76 -35.43
N HIS B 178 -17.02 -23.56 -36.47
CA HIS B 178 -18.00 -24.51 -36.95
C HIS B 178 -18.49 -25.35 -35.79
N ALA B 179 -17.52 -25.88 -35.04
CA ALA B 179 -17.81 -26.79 -33.94
C ALA B 179 -18.63 -26.06 -32.87
N LEU B 180 -18.29 -24.81 -32.58
CA LEU B 180 -18.89 -24.14 -31.44
C LEU B 180 -20.30 -23.65 -31.78
N ALA B 181 -20.63 -23.54 -33.09
CA ALA B 181 -21.90 -23.04 -33.60
C ALA B 181 -22.91 -24.15 -33.89
N GLY B 182 -22.50 -25.42 -33.74
CA GLY B 182 -23.36 -26.56 -34.00
C GLY B 182 -24.48 -26.76 -32.97
N PRO B 183 -25.34 -27.78 -33.16
CA PRO B 183 -26.63 -27.87 -32.47
C PRO B 183 -26.57 -28.05 -30.95
N GLU B 184 -26.03 -29.19 -30.45
CA GLU B 184 -26.05 -29.48 -29.03
C GLU B 184 -24.90 -28.72 -28.34
N ALA B 185 -24.48 -27.61 -28.94
CA ALA B 185 -23.28 -26.93 -28.50
C ALA B 185 -23.52 -26.29 -27.15
N GLU B 186 -24.55 -25.43 -27.10
CA GLU B 186 -24.88 -24.74 -25.88
C GLU B 186 -25.25 -25.73 -24.78
N THR B 187 -26.03 -26.75 -25.14
CA THR B 187 -26.42 -27.73 -24.13
C THR B 187 -25.14 -28.32 -23.55
N HIS B 188 -24.23 -28.79 -24.43
CA HIS B 188 -23.05 -29.53 -24.02
C HIS B 188 -22.19 -28.65 -23.11
N LEU B 189 -22.16 -27.34 -23.38
CA LEU B 189 -21.37 -26.42 -22.57
C LEU B 189 -21.99 -26.17 -21.18
N ARG B 190 -23.31 -26.32 -21.04
CA ARG B 190 -23.95 -26.19 -19.73
C ARG B 190 -23.53 -27.37 -18.85
N LYS B 191 -23.42 -28.55 -19.47
CA LYS B 191 -22.84 -29.70 -18.79
C LYS B 191 -21.46 -29.31 -18.24
N LEU B 192 -20.64 -28.71 -19.11
CA LEU B 192 -19.23 -28.48 -18.81
C LEU B 192 -19.01 -27.38 -17.76
N GLY B 193 -20.08 -26.77 -17.25
CA GLY B 193 -20.02 -25.87 -16.10
C GLY B 193 -19.80 -24.41 -16.48
N LEU B 194 -20.13 -24.01 -17.72
CA LEU B 194 -19.90 -22.64 -18.16
C LEU B 194 -21.03 -21.70 -17.69
N GLY B 195 -22.18 -22.26 -17.31
CA GLY B 195 -23.30 -21.41 -16.92
C GLY B 195 -23.85 -20.64 -18.12
N TYR B 196 -24.22 -19.37 -17.91
CA TYR B 196 -24.79 -18.51 -18.94
C TYR B 196 -23.80 -18.28 -20.09
N ARG B 197 -22.49 -18.31 -19.79
CA ARG B 197 -21.45 -18.07 -20.77
C ARG B 197 -21.59 -19.02 -21.97
N ALA B 198 -22.18 -20.21 -21.73
CA ALA B 198 -22.36 -21.19 -22.79
C ALA B 198 -23.19 -20.63 -23.93
N ARG B 199 -24.13 -19.74 -23.58
CA ARG B 199 -25.03 -19.19 -24.58
C ARG B 199 -24.21 -18.28 -25.49
N TYR B 200 -23.37 -17.47 -24.85
CA TYR B 200 -22.58 -16.44 -25.52
C TYR B 200 -21.62 -17.09 -26.53
N VAL B 201 -21.01 -18.20 -26.13
CA VAL B 201 -20.07 -18.91 -26.99
C VAL B 201 -20.79 -19.32 -28.27
N ARG B 202 -21.84 -20.13 -28.08
CA ARG B 202 -22.57 -20.72 -29.19
C ARG B 202 -23.03 -19.61 -30.13
N ALA B 203 -23.59 -18.53 -29.54
CA ALA B 203 -24.30 -17.53 -30.30
C ALA B 203 -23.31 -16.62 -31.02
N SER B 204 -22.15 -16.34 -30.39
CA SER B 204 -21.10 -15.58 -31.04
C SER B 204 -20.49 -16.37 -32.20
N ALA B 205 -20.21 -17.65 -31.93
CA ALA B 205 -19.71 -18.50 -32.99
C ALA B 205 -20.67 -18.45 -34.18
N LYS B 206 -21.96 -18.66 -33.89
CA LYS B 206 -22.98 -18.70 -34.93
C LYS B 206 -23.00 -17.36 -35.67
N ALA B 207 -23.04 -16.25 -34.90
CA ALA B 207 -23.09 -14.92 -35.49
C ALA B 207 -21.94 -14.70 -36.46
N ILE B 208 -20.75 -15.22 -36.14
CA ILE B 208 -19.60 -14.95 -36.99
C ILE B 208 -19.74 -15.71 -38.31
N LEU B 209 -20.23 -16.94 -38.29
CA LEU B 209 -20.36 -17.69 -39.53
C LEU B 209 -21.43 -17.09 -40.44
N GLU B 210 -22.59 -16.85 -39.84
CA GLU B 210 -23.81 -16.57 -40.58
C GLU B 210 -23.85 -15.09 -40.98
N GLU B 211 -23.63 -14.19 -40.02
CA GLU B 211 -23.83 -12.76 -40.27
C GLU B 211 -22.55 -12.06 -40.78
N GLN B 212 -21.39 -12.73 -40.73
CA GLN B 212 -20.11 -12.03 -40.89
C GLN B 212 -19.12 -12.75 -41.82
N GLY B 213 -19.37 -14.03 -42.19
CA GLY B 213 -18.62 -14.70 -43.25
C GLY B 213 -17.34 -15.40 -42.78
N GLY B 214 -17.46 -16.18 -41.70
CA GLY B 214 -16.43 -17.13 -41.26
C GLY B 214 -15.33 -16.49 -40.41
N PRO B 215 -14.29 -17.26 -40.00
CA PRO B 215 -13.19 -16.72 -39.21
C PRO B 215 -12.34 -15.64 -39.92
N ALA B 216 -12.54 -15.49 -41.25
CA ALA B 216 -11.82 -14.47 -42.01
C ALA B 216 -12.21 -13.06 -41.51
N TRP B 217 -13.44 -12.92 -40.97
CA TRP B 217 -13.88 -11.66 -40.36
C TRP B 217 -12.96 -11.25 -39.19
N LEU B 218 -12.42 -12.23 -38.43
CA LEU B 218 -11.65 -11.93 -37.24
C LEU B 218 -10.25 -11.44 -37.63
N GLN B 219 -9.67 -12.03 -38.68
CA GLN B 219 -8.40 -11.55 -39.20
C GLN B 219 -8.59 -10.17 -39.83
N GLN B 220 -9.80 -9.86 -40.29
CA GLN B 220 -10.06 -8.54 -40.86
C GLN B 220 -9.85 -7.51 -39.75
N LEU B 221 -10.20 -7.87 -38.52
CA LEU B 221 -10.14 -6.93 -37.40
C LEU B 221 -8.68 -6.71 -37.00
N ARG B 222 -7.86 -7.71 -37.17
CA ARG B 222 -6.44 -7.55 -36.89
C ARG B 222 -5.85 -6.40 -37.72
N VAL B 223 -6.33 -6.19 -38.95
CA VAL B 223 -5.75 -5.15 -39.78
C VAL B 223 -6.63 -3.90 -39.69
N ALA B 224 -7.92 -4.03 -39.37
CA ALA B 224 -8.71 -2.85 -39.10
C ALA B 224 -8.08 -2.02 -37.97
N PRO B 225 -8.33 -0.70 -37.88
CA PRO B 225 -7.77 0.09 -36.80
C PRO B 225 -8.59 -0.14 -35.54
N TYR B 226 -8.00 0.28 -34.40
CA TYR B 226 -8.48 0.01 -33.06
C TYR B 226 -9.98 0.26 -32.94
N GLU B 227 -10.45 1.47 -33.26
CA GLU B 227 -11.83 1.85 -32.94
C GLU B 227 -12.81 0.93 -33.66
N GLU B 228 -12.50 0.59 -34.91
CA GLU B 228 -13.39 -0.19 -35.76
C GLU B 228 -13.44 -1.64 -35.25
N ALA B 229 -12.31 -2.14 -34.78
CA ALA B 229 -12.23 -3.45 -34.17
C ALA B 229 -13.09 -3.51 -32.89
N HIS B 230 -12.92 -2.52 -32.00
CA HIS B 230 -13.58 -2.55 -30.70
C HIS B 230 -15.10 -2.56 -30.91
N LYS B 231 -15.54 -1.66 -31.80
CA LYS B 231 -16.93 -1.53 -32.21
C LYS B 231 -17.45 -2.87 -32.76
N ALA B 232 -16.73 -3.46 -33.72
CA ALA B 232 -17.17 -4.72 -34.31
C ALA B 232 -17.20 -5.84 -33.26
N LEU B 233 -16.18 -5.93 -32.40
CA LEU B 233 -16.24 -6.93 -31.35
C LEU B 233 -17.47 -6.73 -30.45
N CYS B 234 -17.84 -5.46 -30.17
CA CYS B 234 -18.92 -5.17 -29.21
C CYS B 234 -20.31 -5.62 -29.70
N THR B 235 -20.46 -5.97 -30.99
CA THR B 235 -21.73 -6.45 -31.52
C THR B 235 -21.91 -7.95 -31.26
N LEU B 236 -20.90 -8.63 -30.73
CA LEU B 236 -21.04 -10.06 -30.51
C LEU B 236 -21.74 -10.31 -29.19
N PRO B 237 -22.62 -11.33 -29.09
CA PRO B 237 -23.15 -11.77 -27.80
C PRO B 237 -22.06 -12.08 -26.79
N GLY B 238 -22.14 -11.41 -25.64
CA GLY B 238 -21.26 -11.72 -24.52
C GLY B 238 -20.04 -10.82 -24.54
N VAL B 239 -19.97 -9.90 -25.51
CA VAL B 239 -18.80 -9.06 -25.64
C VAL B 239 -19.18 -7.60 -25.45
N GLY B 240 -18.73 -7.02 -24.31
CA GLY B 240 -18.77 -5.59 -24.07
C GLY B 240 -17.37 -4.95 -24.12
N ALA B 241 -17.26 -3.75 -23.54
CA ALA B 241 -16.11 -2.91 -23.76
C ALA B 241 -14.86 -3.58 -23.21
N LYS B 242 -14.98 -4.17 -22.03
CA LYS B 242 -13.78 -4.66 -21.39
C LYS B 242 -13.24 -5.85 -22.18
N VAL B 243 -14.12 -6.77 -22.57
CA VAL B 243 -13.66 -7.97 -23.24
C VAL B 243 -13.12 -7.61 -24.64
N ALA B 244 -13.74 -6.63 -25.29
CA ALA B 244 -13.30 -6.16 -26.61
C ALA B 244 -11.87 -5.63 -26.51
N ASP B 245 -11.58 -4.93 -25.42
CA ASP B 245 -10.26 -4.35 -25.25
C ASP B 245 -9.24 -5.47 -25.01
N CYS B 246 -9.63 -6.50 -24.27
CA CYS B 246 -8.71 -7.62 -24.05
C CYS B 246 -8.35 -8.22 -25.40
N ILE B 247 -9.35 -8.45 -26.26
CA ILE B 247 -9.13 -9.13 -27.52
C ILE B 247 -8.26 -8.23 -28.40
N CYS B 248 -8.59 -6.93 -28.42
CA CYS B 248 -7.85 -5.96 -29.20
C CYS B 248 -6.36 -5.99 -28.85
N LEU B 249 -6.03 -6.00 -27.55
CA LEU B 249 -4.66 -5.93 -27.04
C LEU B 249 -3.88 -7.22 -27.28
N MET B 250 -4.58 -8.34 -27.15
CA MET B 250 -3.92 -9.60 -26.95
C MET B 250 -3.91 -10.37 -28.25
N ALA B 251 -4.68 -9.95 -29.26
CA ALA B 251 -4.83 -10.79 -30.44
C ALA B 251 -5.04 -9.99 -31.72
N LEU B 252 -5.48 -8.73 -31.61
CA LEU B 252 -5.66 -7.91 -32.78
C LEU B 252 -4.60 -6.83 -32.93
N ASP B 253 -3.43 -6.98 -32.29
CA ASP B 253 -2.35 -6.02 -32.38
C ASP B 253 -2.86 -4.59 -32.22
N LYS B 254 -3.64 -4.30 -31.18
CA LYS B 254 -3.87 -2.92 -30.75
C LYS B 254 -3.19 -2.69 -29.40
N PRO B 255 -1.89 -2.39 -29.36
CA PRO B 255 -1.17 -2.27 -28.09
C PRO B 255 -1.60 -1.08 -27.23
N GLN B 256 -2.32 -0.13 -27.82
CA GLN B 256 -2.88 0.98 -27.05
C GLN B 256 -4.17 0.62 -26.30
N ALA B 257 -4.69 -0.58 -26.50
CA ALA B 257 -5.94 -0.93 -25.86
C ALA B 257 -5.74 -1.14 -24.35
N VAL B 258 -6.60 -0.51 -23.56
CA VAL B 258 -6.53 -0.61 -22.11
C VAL B 258 -7.88 -1.08 -21.62
N PRO B 259 -7.98 -2.38 -21.24
CA PRO B 259 -9.23 -2.93 -20.78
C PRO B 259 -9.55 -2.43 -19.38
N VAL B 260 -10.68 -1.72 -19.26
CA VAL B 260 -10.95 -1.04 -18.01
C VAL B 260 -11.97 -1.84 -17.24
N ASP B 261 -11.56 -2.33 -16.05
CA ASP B 261 -12.49 -2.97 -15.12
C ASP B 261 -12.24 -2.43 -13.70
N VAL B 262 -12.86 -3.09 -12.71
CA VAL B 262 -12.72 -2.67 -11.31
C VAL B 262 -11.26 -2.72 -10.88
N HIS B 263 -10.44 -3.66 -11.39
CA HIS B 263 -9.02 -3.70 -11.00
C HIS B 263 -8.25 -2.48 -11.52
N VAL B 264 -8.56 -2.04 -12.74
CA VAL B 264 -7.87 -0.88 -13.28
C VAL B 264 -8.35 0.41 -12.59
N TRP B 265 -9.64 0.50 -12.23
CA TRP B 265 -10.19 1.61 -11.46
C TRP B 265 -9.46 1.74 -10.13
N GLN B 266 -9.31 0.60 -9.44
CA GLN B 266 -8.62 0.54 -8.17
C GLN B 266 -7.19 1.10 -8.28
N ILE B 267 -6.43 0.64 -9.28
CA ILE B 267 -5.10 1.18 -9.52
C ILE B 267 -5.15 2.69 -9.78
N ALA B 268 -6.05 3.13 -10.63
CA ALA B 268 -6.04 4.52 -11.05
C ALA B 268 -6.34 5.44 -9.87
N HIS B 269 -7.33 5.05 -9.06
CA HIS B 269 -7.70 5.88 -7.92
C HIS B 269 -6.59 5.88 -6.87
N ARG B 270 -6.19 4.70 -6.41
CA ARG B 270 -5.27 4.61 -5.28
C ARG B 270 -3.86 5.07 -5.69
N ASP B 271 -3.39 4.57 -6.83
CA ASP B 271 -1.99 4.76 -7.20
C ASP B 271 -1.79 6.03 -8.03
N TYR B 272 -2.79 6.50 -8.74
CA TYR B 272 -2.60 7.70 -9.54
C TYR B 272 -3.49 8.86 -9.08
N GLY B 273 -4.35 8.69 -8.07
CA GLY B 273 -5.17 9.83 -7.65
C GLY B 273 -6.31 10.17 -8.63
N TRP B 274 -6.64 9.24 -9.52
CA TRP B 274 -7.60 9.54 -10.59
C TRP B 274 -9.03 9.44 -10.08
N HIS B 275 -9.84 10.44 -10.48
CA HIS B 275 -11.29 10.40 -10.37
C HIS B 275 -11.84 10.87 -11.72
N PRO B 276 -13.02 10.35 -12.16
CA PRO B 276 -13.66 10.78 -13.40
C PRO B 276 -14.17 12.21 -13.32
N LYS B 277 -14.26 12.93 -14.44
CA LYS B 277 -14.89 14.24 -14.35
C LYS B 277 -16.23 14.27 -15.08
N THR B 278 -17.19 15.03 -14.48
CA THR B 278 -18.61 15.14 -14.83
C THR B 278 -19.38 13.89 -14.42
N SER B 279 -18.88 12.74 -14.88
CA SER B 279 -19.59 11.47 -14.79
C SER B 279 -20.15 11.28 -13.37
N GLN B 280 -21.45 11.62 -13.24
CA GLN B 280 -22.25 11.49 -12.02
C GLN B 280 -21.80 10.30 -11.18
N ALA B 281 -22.38 9.11 -11.42
CA ALA B 281 -21.96 7.89 -10.75
C ALA B 281 -20.43 7.88 -10.74
N LYS B 282 -19.83 8.24 -9.58
CA LYS B 282 -18.38 8.34 -9.45
C LYS B 282 -17.75 6.95 -9.49
N GLY B 283 -18.35 6.04 -10.30
CA GLY B 283 -17.91 4.67 -10.47
C GLY B 283 -18.34 4.07 -11.82
N PRO B 284 -17.76 2.91 -12.24
CA PRO B 284 -17.88 2.40 -13.62
C PRO B 284 -19.18 2.61 -14.42
N SER B 285 -19.33 3.82 -15.00
CA SER B 285 -20.22 4.02 -16.14
C SER B 285 -19.41 3.78 -17.42
N PRO B 286 -20.05 3.33 -18.54
CA PRO B 286 -19.34 3.21 -19.83
C PRO B 286 -18.50 4.45 -20.21
N LEU B 287 -19.02 5.65 -19.95
CA LEU B 287 -18.35 6.89 -20.34
C LEU B 287 -17.16 7.17 -19.42
N ALA B 288 -17.29 6.88 -18.12
CA ALA B 288 -16.18 7.06 -17.21
C ALA B 288 -15.05 6.08 -17.58
N ASN B 289 -15.43 4.89 -18.02
CA ASN B 289 -14.45 3.85 -18.30
C ASN B 289 -13.65 4.25 -19.53
N LYS B 290 -14.37 4.71 -20.54
CA LYS B 290 -13.75 5.17 -21.76
C LYS B 290 -12.71 6.22 -21.38
N GLU B 291 -13.09 7.14 -20.50
CA GLU B 291 -12.24 8.23 -20.08
C GLU B 291 -11.01 7.65 -19.36
N LEU B 292 -11.18 6.60 -18.56
CA LEU B 292 -10.04 6.03 -17.87
C LEU B 292 -9.05 5.44 -18.89
N GLY B 293 -9.57 4.81 -19.95
CA GLY B 293 -8.71 4.26 -20.98
C GLY B 293 -7.85 5.34 -21.63
N ASN B 294 -8.49 6.49 -21.95
CA ASN B 294 -7.83 7.64 -22.54
C ASN B 294 -6.76 8.20 -21.61
N PHE B 295 -7.07 8.26 -20.32
CA PHE B 295 -6.08 8.76 -19.36
C PHE B 295 -4.82 7.91 -19.43
N PHE B 296 -4.97 6.60 -19.47
CA PHE B 296 -3.79 5.75 -19.45
C PHE B 296 -3.01 5.90 -20.76
N ARG B 297 -3.67 6.05 -21.91
CA ARG B 297 -2.96 6.27 -23.17
C ARG B 297 -2.25 7.63 -23.15
N ASN B 298 -2.88 8.65 -22.54
CA ASN B 298 -2.21 9.93 -22.34
C ASN B 298 -0.93 9.76 -21.53
N LEU B 299 -0.98 9.04 -20.39
CA LEU B 299 0.19 8.87 -19.54
C LEU B 299 1.33 8.12 -20.24
N TRP B 300 1.04 6.96 -20.81
CA TRP B 300 2.08 6.03 -21.22
C TRP B 300 2.35 6.06 -22.72
N GLY B 301 1.41 6.56 -23.53
CA GLY B 301 1.53 6.50 -24.98
C GLY B 301 0.98 5.22 -25.63
N PRO B 302 1.48 4.88 -26.84
CA PRO B 302 0.80 3.89 -27.70
C PRO B 302 0.99 2.41 -27.37
N TYR B 303 1.87 2.07 -26.41
CA TYR B 303 1.86 0.74 -25.81
C TYR B 303 1.25 0.75 -24.39
N ALA B 304 0.21 1.57 -24.16
CA ALA B 304 -0.43 1.70 -22.85
C ALA B 304 -1.04 0.38 -22.35
N GLY B 305 -1.60 -0.40 -23.26
CA GLY B 305 -2.08 -1.74 -22.95
C GLY B 305 -0.98 -2.66 -22.43
N TRP B 306 0.27 -2.47 -22.90
CA TRP B 306 1.38 -3.23 -22.36
C TRP B 306 1.77 -2.72 -20.97
N ALA B 307 1.74 -1.41 -20.76
CA ALA B 307 2.18 -0.92 -19.46
C ALA B 307 1.22 -1.37 -18.37
N GLN B 308 -0.09 -1.41 -18.66
CA GLN B 308 -1.05 -1.81 -17.65
C GLN B 308 -0.94 -3.29 -17.30
N ALA B 309 -0.52 -4.14 -18.26
CA ALA B 309 -0.26 -5.56 -18.03
C ALA B 309 0.87 -5.78 -17.04
N VAL B 310 1.83 -4.85 -17.03
CA VAL B 310 2.90 -4.90 -16.06
C VAL B 310 2.27 -4.77 -14.68
N LEU B 311 1.34 -3.83 -14.53
CA LEU B 311 0.81 -3.59 -13.20
C LEU B 311 -0.08 -4.75 -12.76
N PHE B 312 -0.72 -5.40 -13.73
CA PHE B 312 -1.64 -6.47 -13.43
C PHE B 312 -0.85 -7.71 -13.02
N SER B 313 0.23 -8.05 -13.78
CA SER B 313 1.05 -9.20 -13.42
C SER B 313 1.76 -8.90 -12.09
N ALA B 314 2.06 -7.63 -11.82
CA ALA B 314 2.69 -7.26 -10.57
C ALA B 314 1.71 -7.43 -9.42
N ASP B 315 0.44 -7.09 -9.63
CA ASP B 315 -0.52 -7.19 -8.55
C ASP B 315 -0.91 -8.64 -8.24
N LEU B 316 -0.75 -9.57 -9.20
CA LEU B 316 -1.09 -10.99 -9.04
C LEU B 316 -0.14 -11.72 -8.06
N ARG B 317 1.11 -11.24 -7.90
CA ARG B 317 2.06 -11.80 -6.94
C ARG B 317 2.08 -10.97 -5.66
N GLN B 318 0.97 -11.02 -4.90
CA GLN B 318 0.84 -10.39 -3.59
C GLN B 318 0.96 -8.86 -3.70
N GLY C 1 52.39 20.74 -1.93
CA GLY C 1 51.74 20.04 -0.80
C GLY C 1 51.31 18.63 -1.17
N SER C 2 51.13 17.76 -0.17
CA SER C 2 50.78 16.37 -0.42
C SER C 2 49.38 16.28 -1.00
N HIS C 3 49.20 15.21 -1.77
CA HIS C 3 47.88 14.74 -2.17
C HIS C 3 47.01 14.52 -0.94
N MET C 4 45.78 15.04 -0.98
CA MET C 4 44.93 15.00 0.19
C MET C 4 43.73 14.13 -0.13
N ARG C 5 43.40 13.25 0.83
CA ARG C 5 42.38 12.23 0.67
C ARG C 5 41.19 12.52 1.59
N HIS C 6 39.99 12.12 1.14
CA HIS C 6 38.80 12.14 2.00
C HIS C 6 39.07 11.27 3.23
N ARG C 7 38.81 11.84 4.42
CA ARG C 7 39.12 11.19 5.69
C ARG C 7 37.97 10.24 6.09
N THR C 8 38.31 9.29 6.98
CA THR C 8 37.36 8.46 7.71
C THR C 8 37.68 8.57 9.20
N LEU C 9 36.96 7.76 10.01
CA LEU C 9 36.89 8.00 11.45
C LEU C 9 38.12 7.48 12.19
N SER C 10 38.66 6.35 11.70
CA SER C 10 39.85 5.75 12.30
C SER C 10 41.10 6.21 11.55
N SER C 11 40.94 6.61 10.27
CA SER C 11 42.02 7.16 9.46
C SER C 11 42.15 8.68 9.67
N SER C 12 42.58 9.04 10.89
CA SER C 12 43.07 10.38 11.25
C SER C 12 42.31 10.98 12.43
N PRO C 13 42.27 10.32 13.62
CA PRO C 13 41.33 10.67 14.70
C PRO C 13 41.49 12.01 15.40
N ALA C 14 42.72 12.56 15.38
CA ALA C 14 43.02 13.79 16.09
C ALA C 14 42.38 14.99 15.39
N LEU C 15 41.92 14.79 14.14
CA LEU C 15 41.25 15.80 13.33
C LEU C 15 39.71 15.76 13.41
N TRP C 16 39.15 14.98 14.35
CA TRP C 16 37.72 14.69 14.39
C TRP C 16 37.13 15.16 15.72
N ALA C 17 36.22 16.15 15.68
CA ALA C 17 35.53 16.59 16.89
C ALA C 17 34.20 15.86 17.00
N SER C 18 33.43 16.15 18.05
CA SER C 18 32.12 15.51 18.17
C SER C 18 31.12 16.47 18.80
N ILE C 19 29.86 16.24 18.42
CA ILE C 19 28.68 16.77 19.09
C ILE C 19 27.89 15.56 19.59
N PRO C 20 27.48 15.56 20.88
CA PRO C 20 26.58 14.53 21.38
C PRO C 20 25.22 14.75 20.72
N CYS C 21 24.78 13.70 20.04
CA CYS C 21 23.62 13.75 19.16
C CYS C 21 23.18 12.34 18.91
N PRO C 22 22.05 11.88 19.50
CA PRO C 22 21.48 10.59 19.14
C PRO C 22 21.05 10.47 17.67
N ARG C 23 21.20 9.26 17.11
CA ARG C 23 20.76 8.88 15.77
C ARG C 23 19.24 8.91 15.67
N SER C 24 18.53 9.05 16.80
CA SER C 24 17.08 9.26 16.76
C SER C 24 16.74 10.74 16.58
N GLU C 25 17.71 11.63 16.79
CA GLU C 25 17.51 13.06 16.55
C GLU C 25 17.99 13.49 15.16
N LEU C 26 18.74 12.60 14.48
CA LEU C 26 19.36 12.92 13.21
C LEU C 26 19.96 11.66 12.60
N ARG C 27 19.50 11.33 11.39
CA ARG C 27 20.08 10.31 10.54
C ARG C 27 20.59 10.98 9.26
N LEU C 28 21.91 11.07 9.17
CA LEU C 28 22.59 11.64 8.03
C LEU C 28 22.02 11.08 6.75
N ASP C 29 21.87 9.74 6.69
CA ASP C 29 21.55 9.05 5.46
C ASP C 29 20.14 9.39 4.98
N LEU C 30 19.30 10.00 5.84
CA LEU C 30 17.96 10.40 5.42
C LEU C 30 17.79 11.92 5.24
N VAL C 31 18.83 12.72 5.54
CA VAL C 31 18.74 14.17 5.48
C VAL C 31 19.65 14.75 4.37
N LEU C 32 20.90 14.28 4.26
CA LEU C 32 21.88 14.93 3.38
C LEU C 32 21.65 14.78 1.89
N ALA C 33 20.96 13.71 1.43
CA ALA C 33 20.65 13.54 0.00
C ALA C 33 19.17 13.23 -0.22
N SER C 34 18.33 13.81 0.64
CA SER C 34 16.88 13.71 0.53
C SER C 34 16.25 15.04 0.11
N GLY C 35 16.91 15.73 -0.85
CA GLY C 35 16.35 16.82 -1.65
C GLY C 35 16.24 18.11 -0.86
N GLN C 36 17.07 18.27 0.17
CA GLN C 36 17.17 19.53 0.89
C GLN C 36 18.39 20.29 0.39
N SER C 37 19.60 19.92 0.86
CA SER C 37 20.87 20.30 0.24
C SER C 37 21.22 19.32 -0.88
N PHE C 38 21.88 19.81 -1.94
CA PHE C 38 22.25 18.94 -3.05
C PHE C 38 23.76 18.70 -3.15
N ARG C 39 24.50 19.02 -2.07
CA ARG C 39 25.95 19.15 -2.17
C ARG C 39 26.69 18.13 -1.30
N TRP C 40 25.95 17.25 -0.60
CA TRP C 40 26.57 16.21 0.19
C TRP C 40 26.63 14.92 -0.59
N LYS C 41 27.72 14.16 -0.39
CA LYS C 41 27.95 12.95 -1.15
C LYS C 41 28.67 11.99 -0.21
N GLU C 42 28.18 10.74 -0.19
CA GLU C 42 28.76 9.67 0.62
C GLU C 42 29.95 9.12 -0.18
N GLN C 43 31.16 9.65 0.11
CA GLN C 43 32.36 9.39 -0.69
C GLN C 43 32.96 8.05 -0.27
N SER C 44 33.02 7.81 1.06
CA SER C 44 33.15 6.46 1.61
C SER C 44 31.90 6.09 2.42
N PRO C 45 31.54 4.78 2.54
CA PRO C 45 30.31 4.37 3.21
C PRO C 45 30.16 4.95 4.61
N ALA C 46 29.00 5.57 4.91
CA ALA C 46 28.72 6.16 6.21
C ALA C 46 29.49 7.48 6.48
N HIS C 47 30.12 8.06 5.46
CA HIS C 47 30.91 9.28 5.62
C HIS C 47 30.47 10.27 4.56
N TRP C 48 29.97 11.43 4.99
CA TRP C 48 29.37 12.35 4.03
C TRP C 48 30.22 13.61 3.90
N SER C 49 30.57 13.93 2.65
CA SER C 49 31.43 15.08 2.37
C SER C 49 30.71 16.09 1.48
N GLY C 50 30.86 17.38 1.83
CA GLY C 50 30.43 18.50 1.00
C GLY C 50 30.74 19.87 1.61
N VAL C 51 30.17 20.91 0.99
CA VAL C 51 30.62 22.25 1.27
C VAL C 51 29.65 22.97 2.17
N LEU C 52 30.19 23.57 3.22
CA LEU C 52 29.37 24.36 4.09
C LEU C 52 30.01 25.72 4.23
N ALA C 53 29.40 26.71 3.56
CA ALA C 53 29.82 28.10 3.63
C ALA C 53 31.31 28.24 3.36
N ASP C 54 31.79 27.77 2.20
CA ASP C 54 33.19 27.91 1.81
C ASP C 54 34.16 27.10 2.69
N GLN C 55 33.71 26.06 3.39
CA GLN C 55 34.62 25.06 3.96
C GLN C 55 34.09 23.66 3.65
N VAL C 56 34.99 22.69 3.41
CA VAL C 56 34.58 21.31 3.18
C VAL C 56 34.56 20.56 4.51
N TRP C 57 33.51 19.75 4.73
CA TRP C 57 33.44 18.87 5.89
C TRP C 57 33.25 17.41 5.46
N THR C 58 33.74 16.47 6.27
CA THR C 58 33.23 15.10 6.24
C THR C 58 32.56 14.84 7.59
N LEU C 59 31.34 14.25 7.51
CA LEU C 59 30.49 13.97 8.67
C LEU C 59 30.21 12.46 8.76
N THR C 60 30.17 11.91 9.99
CA THR C 60 29.73 10.53 10.19
C THR C 60 29.13 10.45 11.59
N GLN C 61 28.51 9.32 11.95
CA GLN C 61 27.86 9.23 13.25
C GLN C 61 27.82 7.81 13.79
N THR C 62 27.78 7.70 15.12
CA THR C 62 27.38 6.49 15.83
C THR C 62 26.02 6.73 16.49
N GLU C 63 25.71 5.99 17.58
CA GLU C 63 24.40 6.04 18.22
C GLU C 63 24.22 7.29 19.10
N ASP C 64 25.31 7.79 19.69
CA ASP C 64 25.21 8.93 20.59
C ASP C 64 25.97 10.13 20.02
N GLN C 65 26.71 9.93 18.93
CA GLN C 65 27.76 10.86 18.52
C GLN C 65 27.65 11.30 17.04
N LEU C 66 27.73 12.62 16.81
CA LEU C 66 27.98 13.17 15.48
C LEU C 66 29.46 13.53 15.34
N TYR C 67 30.19 12.77 14.53
CA TYR C 67 31.62 13.04 14.36
C TYR C 67 31.82 13.85 13.08
N CYS C 68 32.64 14.91 13.18
CA CYS C 68 32.83 15.80 12.06
C CYS C 68 34.28 16.29 11.98
N THR C 69 34.70 16.58 10.74
CA THR C 69 36.03 17.06 10.45
C THR C 69 35.91 18.15 9.38
N VAL C 70 36.78 19.16 9.48
CA VAL C 70 36.82 20.26 8.51
C VAL C 70 38.18 20.29 7.79
N TYR C 71 38.16 20.44 6.47
CA TYR C 71 39.36 20.50 5.66
C TYR C 71 39.80 21.95 5.53
N ARG C 72 41.05 22.19 5.93
CA ARG C 72 41.80 23.41 5.74
C ARG C 72 42.85 23.11 4.67
N GLY C 73 43.47 24.15 4.10
CA GLY C 73 44.44 24.00 3.02
C GLY C 73 45.79 23.39 3.44
N ASP C 74 46.22 23.61 4.70
CA ASP C 74 47.51 23.18 5.23
C ASP C 74 47.70 21.66 5.11
N ASP C 75 48.95 21.20 5.26
CA ASP C 75 49.28 19.79 5.41
C ASP C 75 49.35 19.43 6.90
N VAL C 78 46.71 22.15 9.90
CA VAL C 78 45.59 21.16 10.03
C VAL C 78 45.35 20.87 11.51
N SER C 79 44.09 21.13 11.91
CA SER C 79 43.62 20.96 13.27
C SER C 79 42.14 20.54 13.26
N ARG C 80 41.62 20.20 14.45
CA ARG C 80 40.22 19.86 14.65
C ARG C 80 39.32 21.01 14.24
N PRO C 81 37.99 20.79 14.15
CA PRO C 81 37.05 21.90 14.04
C PRO C 81 37.06 22.70 15.34
N THR C 82 36.96 24.03 15.27
CA THR C 82 36.98 24.84 16.48
C THR C 82 35.66 24.61 17.21
N LEU C 83 35.55 25.23 18.40
CA LEU C 83 34.27 25.39 19.07
C LEU C 83 33.34 26.22 18.19
N GLU C 84 33.86 27.33 17.63
CA GLU C 84 33.04 28.30 16.92
C GLU C 84 32.44 27.68 15.67
N GLU C 85 33.12 26.66 15.14
CA GLU C 85 32.71 25.95 13.94
C GLU C 85 31.72 24.84 14.28
N LEU C 86 31.86 24.24 15.47
CA LEU C 86 30.94 23.21 15.92
C LEU C 86 29.58 23.84 16.25
N GLU C 87 29.56 25.15 16.53
CA GLU C 87 28.32 25.90 16.64
C GLU C 87 27.71 26.13 15.25
N THR C 88 28.54 26.34 14.24
CA THR C 88 28.07 26.49 12.87
C THR C 88 27.27 25.26 12.44
N LEU C 89 27.74 24.08 12.86
CA LEU C 89 27.17 22.78 12.53
C LEU C 89 25.94 22.47 13.39
N HIS C 90 25.93 22.93 14.64
CA HIS C 90 24.79 22.76 15.53
C HIS C 90 23.61 23.56 14.99
N LYS C 91 23.84 24.73 14.35
CA LYS C 91 22.78 25.54 13.79
C LYS C 91 22.27 24.94 12.48
N TYR C 92 23.21 24.40 11.70
CA TYR C 92 22.88 23.88 10.38
C TYR C 92 21.88 22.72 10.50
N PHE C 93 22.07 21.87 11.52
CA PHE C 93 21.22 20.73 11.83
C PHE C 93 20.11 21.13 12.80
N GLN C 94 20.14 22.38 13.27
CA GLN C 94 19.13 22.95 14.13
C GLN C 94 18.85 22.04 15.28
N LEU C 95 19.89 21.70 16.06
CA LEU C 95 19.75 20.64 17.05
C LEU C 95 19.07 21.14 18.34
N ASP C 96 18.81 22.45 18.44
CA ASP C 96 18.00 22.98 19.53
C ASP C 96 16.59 22.38 19.46
N VAL C 97 16.15 22.06 18.24
CA VAL C 97 14.81 21.54 18.03
C VAL C 97 14.79 20.07 18.46
N SER C 98 13.83 19.73 19.34
CA SER C 98 13.67 18.34 19.77
C SER C 98 12.82 17.58 18.76
N LEU C 99 13.46 16.63 18.07
CA LEU C 99 12.75 15.77 17.12
C LEU C 99 11.91 14.74 17.87
N ALA C 100 12.39 14.24 19.02
CA ALA C 100 11.66 13.27 19.82
C ALA C 100 10.27 13.81 20.20
N GLN C 101 10.22 15.12 20.54
CA GLN C 101 8.99 15.81 20.84
C GLN C 101 8.13 15.90 19.59
N LEU C 102 8.66 16.49 18.51
CA LEU C 102 7.91 16.67 17.28
C LEU C 102 7.28 15.35 16.82
N TYR C 103 8.07 14.29 16.76
CA TYR C 103 7.60 12.98 16.30
C TYR C 103 6.47 12.46 17.20
N SER C 104 6.59 12.67 18.50
CA SER C 104 5.64 12.19 19.49
C SER C 104 4.28 12.90 19.31
N HIS C 105 4.33 14.22 19.12
CA HIS C 105 3.17 15.04 18.88
C HIS C 105 2.50 14.70 17.55
N TRP C 106 3.25 14.75 16.44
CA TRP C 106 2.73 14.36 15.13
C TRP C 106 2.05 13.00 15.23
N ALA C 107 2.67 12.05 15.94
CA ALA C 107 2.21 10.68 16.02
C ALA C 107 1.00 10.54 16.94
N SER C 108 0.83 11.50 17.86
CA SER C 108 -0.35 11.55 18.69
C SER C 108 -1.59 11.89 17.86
N VAL C 109 -1.46 12.79 16.87
CA VAL C 109 -2.60 13.31 16.11
C VAL C 109 -2.82 12.60 14.76
N ASP C 110 -2.00 11.61 14.41
CA ASP C 110 -1.91 11.15 13.03
C ASP C 110 -1.39 9.72 13.01
N SER C 111 -2.29 8.77 12.82
CA SER C 111 -1.89 7.36 12.91
C SER C 111 -1.09 6.95 11.67
N HIS C 112 -1.16 7.73 10.59
CA HIS C 112 -0.35 7.41 9.42
C HIS C 112 1.12 7.70 9.72
N PHE C 113 1.38 8.89 10.27
CA PHE C 113 2.74 9.28 10.61
C PHE C 113 3.31 8.24 11.57
N GLN C 114 2.51 7.94 12.60
CA GLN C 114 2.82 6.96 13.62
C GLN C 114 3.46 5.72 12.97
N ARG C 115 2.79 5.11 11.99
CA ARG C 115 3.32 3.93 11.33
C ARG C 115 4.64 4.24 10.60
N VAL C 116 4.60 5.18 9.66
CA VAL C 116 5.71 5.41 8.75
C VAL C 116 7.01 5.72 9.50
N ALA C 117 6.91 6.41 10.64
CA ALA C 117 8.00 7.13 11.26
C ALA C 117 8.77 6.26 12.25
N GLN C 118 8.34 5.02 12.46
CA GLN C 118 9.12 4.09 13.28
C GLN C 118 10.32 3.59 12.50
N LYS C 119 10.15 3.35 11.21
CA LYS C 119 11.28 2.99 10.38
C LYS C 119 12.12 4.23 10.02
N PHE C 120 11.57 5.46 10.08
CA PHE C 120 12.27 6.63 9.55
C PHE C 120 12.41 7.73 10.59
N GLN C 121 13.15 7.40 11.64
CA GLN C 121 13.47 8.34 12.69
C GLN C 121 14.64 9.19 12.24
N GLY C 122 14.72 10.41 12.76
CA GLY C 122 15.90 11.24 12.60
C GLY C 122 15.84 12.12 11.35
N VAL C 123 14.67 12.22 10.71
CA VAL C 123 14.53 13.14 9.61
C VAL C 123 14.20 14.53 10.15
N ARG C 124 15.03 15.51 9.80
CA ARG C 124 14.84 16.90 10.19
C ARG C 124 15.25 17.79 9.04
N LEU C 125 15.15 19.11 9.22
CA LEU C 125 15.56 20.01 8.16
C LEU C 125 16.86 20.73 8.45
N LEU C 126 17.63 20.94 7.38
CA LEU C 126 18.80 21.79 7.37
C LEU C 126 18.38 23.25 7.31
N ARG C 127 19.19 24.10 7.93
CA ARG C 127 19.03 25.52 7.86
C ARG C 127 20.06 26.03 6.89
N GLN C 128 19.63 26.23 5.65
CA GLN C 128 20.56 26.47 4.57
C GLN C 128 20.74 27.97 4.39
N ASP C 129 21.81 28.31 3.71
CA ASP C 129 22.05 29.66 3.30
C ASP C 129 20.98 30.04 2.28
N PRO C 130 20.25 31.16 2.49
CA PRO C 130 19.20 31.59 1.57
C PRO C 130 19.64 31.58 0.12
N THR C 131 20.75 32.23 -0.18
CA THR C 131 21.23 32.33 -1.55
C THR C 131 21.33 30.95 -2.20
N GLU C 132 22.03 30.04 -1.54
CA GLU C 132 22.28 28.73 -2.12
C GLU C 132 20.96 28.01 -2.34
N CYS C 133 20.05 28.10 -1.37
CA CYS C 133 18.80 27.38 -1.49
C CYS C 133 18.04 27.88 -2.73
N LEU C 134 17.90 29.22 -2.83
CA LEU C 134 17.15 29.91 -3.87
C LEU C 134 17.63 29.46 -5.25
N PHE C 135 18.93 29.68 -5.53
CA PHE C 135 19.48 29.35 -6.83
C PHE C 135 19.51 27.84 -7.04
N SER C 136 19.67 27.04 -5.98
CA SER C 136 19.64 25.60 -6.17
C SER C 136 18.28 25.17 -6.68
N PHE C 137 17.21 25.75 -6.11
CA PHE C 137 15.84 25.35 -6.45
C PHE C 137 15.27 26.10 -7.68
N ILE C 138 16.01 27.05 -8.24
CA ILE C 138 15.52 27.84 -9.35
C ILE C 138 16.04 27.27 -10.68
N CYS C 139 16.84 26.18 -10.65
CA CYS C 139 17.17 25.43 -11.87
C CYS C 139 16.46 24.07 -11.89
N SER C 140 15.30 24.01 -11.21
CA SER C 140 14.77 22.81 -10.57
C SER C 140 13.72 22.07 -11.40
N SER C 141 12.85 22.81 -12.10
CA SER C 141 11.55 22.28 -12.46
C SER C 141 11.71 21.12 -13.42
N ASN C 142 10.81 20.13 -13.27
CA ASN C 142 10.68 18.94 -14.10
C ASN C 142 11.68 17.86 -13.66
N ASN C 143 12.59 18.22 -12.76
CA ASN C 143 13.81 17.46 -12.58
C ASN C 143 13.61 16.46 -11.45
N ASN C 144 14.64 15.65 -11.25
CA ASN C 144 14.76 14.75 -10.12
C ASN C 144 15.92 15.27 -9.26
N ILE C 145 16.18 14.60 -8.12
CA ILE C 145 17.28 14.96 -7.24
C ILE C 145 18.64 14.89 -7.96
N ALA C 146 18.91 13.78 -8.67
CA ALA C 146 20.21 13.53 -9.29
C ALA C 146 20.58 14.62 -10.32
N ARG C 147 19.58 15.25 -10.95
CA ARG C 147 19.76 16.23 -12.02
C ARG C 147 20.05 17.62 -11.44
N ILE C 148 19.29 17.98 -10.41
CA ILE C 148 19.57 19.19 -9.66
C ILE C 148 20.98 19.08 -9.09
N THR C 149 21.34 17.88 -8.56
CA THR C 149 22.64 17.64 -7.95
C THR C 149 23.76 17.95 -8.97
N GLY C 150 23.57 17.49 -10.21
CA GLY C 150 24.52 17.73 -11.29
C GLY C 150 24.66 19.21 -11.65
N MET C 151 23.50 19.89 -11.83
CA MET C 151 23.46 21.28 -12.22
C MET C 151 24.22 22.15 -11.23
N VAL C 152 23.95 21.94 -9.93
CA VAL C 152 24.52 22.74 -8.87
C VAL C 152 26.04 22.59 -8.88
N GLU C 153 26.52 21.36 -9.18
CA GLU C 153 27.96 21.11 -9.13
C GLU C 153 28.64 21.80 -10.31
N ARG C 154 28.09 21.65 -11.51
CA ARG C 154 28.62 22.33 -12.67
C ARG C 154 28.52 23.84 -12.44
N LEU C 155 27.41 24.30 -11.82
CA LEU C 155 27.25 25.71 -11.49
C LEU C 155 28.32 26.18 -10.51
N CYS C 156 28.64 25.39 -9.46
CA CYS C 156 29.64 25.82 -8.49
C CYS C 156 31.06 25.78 -9.10
N GLN C 157 31.32 24.77 -9.95
CA GLN C 157 32.60 24.66 -10.61
C GLN C 157 32.89 25.95 -11.35
N ALA C 158 31.94 26.37 -12.18
CA ALA C 158 32.15 27.38 -13.20
C ALA C 158 32.09 28.78 -12.61
N PHE C 159 31.23 29.02 -11.63
CA PHE C 159 30.96 30.36 -11.12
C PHE C 159 31.50 30.57 -9.71
N GLY C 160 31.81 29.49 -9.00
CA GLY C 160 32.19 29.61 -7.59
C GLY C 160 33.70 29.46 -7.35
N PRO C 161 34.21 29.98 -6.22
CA PRO C 161 35.66 29.97 -5.94
C PRO C 161 36.16 28.58 -5.55
N ARG C 162 37.30 28.17 -6.12
CA ARG C 162 37.91 26.88 -5.82
C ARG C 162 38.35 26.86 -4.36
N LEU C 163 38.04 25.76 -3.65
CA LEU C 163 38.35 25.62 -2.23
C LEU C 163 39.53 24.66 -1.99
N ILE C 164 39.44 23.43 -2.53
CA ILE C 164 40.38 22.37 -2.20
C ILE C 164 40.12 21.17 -3.09
N GLN C 165 41.04 20.20 -3.03
CA GLN C 165 40.88 18.97 -3.79
C GLN C 165 41.12 17.80 -2.84
N LEU C 166 40.15 16.87 -2.83
CA LEU C 166 40.20 15.64 -2.05
C LEU C 166 39.99 14.47 -3.00
N ASP C 167 40.88 13.45 -2.90
CA ASP C 167 40.95 12.41 -3.92
C ASP C 167 40.82 13.14 -5.26
N ASP C 168 39.88 12.75 -6.12
CA ASP C 168 39.81 13.32 -7.46
C ASP C 168 38.60 14.26 -7.60
N VAL C 169 38.20 14.90 -6.50
CA VAL C 169 37.06 15.78 -6.49
C VAL C 169 37.55 17.19 -6.17
N THR C 170 37.16 18.16 -7.02
CA THR C 170 37.45 19.56 -6.77
C THR C 170 36.21 20.29 -6.25
N TYR C 171 36.31 20.80 -5.02
CA TYR C 171 35.20 21.45 -4.35
C TYR C 171 35.24 22.95 -4.62
N HIS C 172 34.08 23.55 -4.93
CA HIS C 172 33.97 24.98 -5.06
C HIS C 172 32.93 25.50 -4.07
N GLY C 173 33.07 26.74 -3.64
CA GLY C 173 32.00 27.45 -2.96
C GLY C 173 30.79 27.66 -3.88
N PHE C 174 29.66 28.01 -3.27
CA PHE C 174 28.49 28.43 -4.03
C PHE C 174 28.83 29.81 -4.61
N PRO C 175 28.55 30.12 -5.90
CA PRO C 175 28.70 31.48 -6.45
C PRO C 175 28.06 32.58 -5.60
N ASN C 176 28.68 33.76 -5.62
CA ASN C 176 28.05 34.93 -5.00
C ASN C 176 27.14 35.57 -6.03
N LEU C 177 26.31 36.52 -5.56
CA LEU C 177 25.32 37.18 -6.39
C LEU C 177 25.98 37.87 -7.58
N HIS C 178 27.10 38.55 -7.33
CA HIS C 178 27.88 39.23 -8.37
C HIS C 178 28.22 38.28 -9.52
N ALA C 179 28.74 37.09 -9.18
CA ALA C 179 29.06 36.06 -10.14
C ALA C 179 27.87 35.75 -11.05
N LEU C 180 26.69 35.63 -10.44
CA LEU C 180 25.52 35.17 -11.18
C LEU C 180 24.84 36.30 -11.96
N ALA C 181 25.16 37.56 -11.62
CA ALA C 181 24.44 38.72 -12.14
C ALA C 181 25.18 39.42 -13.29
N GLY C 182 26.36 38.92 -13.68
CA GLY C 182 27.25 39.58 -14.62
C GLY C 182 26.63 39.77 -16.00
N PRO C 183 27.29 40.54 -16.91
CA PRO C 183 26.74 40.85 -18.24
C PRO C 183 26.79 39.71 -19.26
N GLU C 184 27.52 38.64 -18.92
CA GLU C 184 27.55 37.47 -19.77
C GLU C 184 27.28 36.22 -18.94
N ALA C 185 26.57 36.40 -17.82
CA ALA C 185 26.23 35.28 -16.95
C ALA C 185 25.28 34.33 -17.69
N GLU C 186 24.29 34.87 -18.42
CA GLU C 186 23.30 34.05 -19.10
C GLU C 186 24.01 33.08 -20.05
N THR C 187 24.80 33.64 -21.00
CA THR C 187 25.68 32.88 -21.89
C THR C 187 26.27 31.65 -21.20
N HIS C 188 26.98 31.89 -20.09
CA HIS C 188 27.84 30.92 -19.42
C HIS C 188 26.97 29.82 -18.78
N LEU C 189 25.86 30.20 -18.16
CA LEU C 189 24.96 29.29 -17.47
C LEU C 189 24.28 28.33 -18.46
N ARG C 190 23.98 28.82 -19.67
CA ARG C 190 23.39 28.03 -20.74
C ARG C 190 24.29 26.85 -21.09
N LYS C 191 25.59 27.13 -21.26
CA LYS C 191 26.58 26.10 -21.56
C LYS C 191 26.42 24.90 -20.63
N LEU C 192 26.00 25.13 -19.37
CA LEU C 192 25.93 24.10 -18.35
C LEU C 192 24.63 23.30 -18.40
N GLY C 193 23.67 23.69 -19.25
CA GLY C 193 22.44 22.93 -19.46
C GLY C 193 21.19 23.48 -18.77
N LEU C 194 21.22 24.74 -18.24
CA LEU C 194 20.11 25.31 -17.47
C LEU C 194 18.88 25.57 -18.36
N GLY C 195 19.14 25.71 -19.66
CA GLY C 195 18.13 26.14 -20.61
C GLY C 195 17.69 27.58 -20.34
N TYR C 196 16.38 27.79 -20.49
CA TYR C 196 15.80 29.11 -20.42
C TYR C 196 15.89 29.66 -18.99
N ARG C 197 16.03 28.76 -18.02
CA ARG C 197 16.03 29.14 -16.61
C ARG C 197 17.28 29.94 -16.24
N ALA C 198 18.32 29.83 -17.08
CA ALA C 198 19.53 30.62 -16.88
C ALA C 198 19.22 32.12 -16.98
N ARG C 199 18.14 32.47 -17.70
CA ARG C 199 17.64 33.85 -17.69
C ARG C 199 17.16 34.19 -16.27
N TYR C 200 16.38 33.30 -15.64
CA TYR C 200 15.73 33.62 -14.38
C TYR C 200 16.77 33.66 -13.26
N VAL C 201 17.84 32.89 -13.42
CA VAL C 201 18.93 32.87 -12.46
C VAL C 201 19.59 34.24 -12.45
N ARG C 202 19.94 34.75 -13.62
CA ARG C 202 20.59 36.04 -13.75
C ARG C 202 19.71 37.15 -13.20
N ALA C 203 18.47 37.20 -13.71
CA ALA C 203 17.51 38.23 -13.38
C ALA C 203 17.40 38.37 -11.87
N SER C 204 17.08 37.25 -11.20
CA SER C 204 16.84 37.30 -9.76
C SER C 204 18.11 37.71 -9.00
N ALA C 205 19.28 37.29 -9.52
CA ALA C 205 20.55 37.63 -8.90
C ALA C 205 20.78 39.13 -9.02
N LYS C 206 20.63 39.64 -10.25
CA LYS C 206 20.87 41.04 -10.54
C LYS C 206 19.85 41.92 -9.83
N ALA C 207 18.65 41.37 -9.57
CA ALA C 207 17.61 42.11 -8.88
C ALA C 207 17.95 42.28 -7.39
N ILE C 208 18.30 41.20 -6.71
CA ILE C 208 18.53 41.25 -5.26
C ILE C 208 19.73 42.15 -4.97
N LEU C 209 20.77 42.07 -5.81
CA LEU C 209 22.04 42.73 -5.59
C LEU C 209 21.86 44.23 -5.78
N GLU C 210 21.34 44.61 -6.96
CA GLU C 210 21.33 45.99 -7.44
C GLU C 210 20.10 46.73 -6.91
N GLU C 211 19.02 46.00 -6.66
CA GLU C 211 17.76 46.65 -6.32
C GLU C 211 17.45 46.50 -4.83
N GLN C 212 18.03 45.51 -4.13
CA GLN C 212 17.62 45.30 -2.74
C GLN C 212 18.80 45.29 -1.77
N GLY C 213 20.03 45.49 -2.28
CA GLY C 213 21.18 45.73 -1.42
C GLY C 213 22.12 44.54 -1.35
N GLY C 214 21.61 43.34 -1.70
CA GLY C 214 22.38 42.10 -1.67
C GLY C 214 21.80 41.07 -0.71
N PRO C 215 22.58 40.05 -0.28
CA PRO C 215 22.06 38.93 0.50
C PRO C 215 21.34 39.27 1.82
N ALA C 216 21.67 40.40 2.46
CA ALA C 216 21.03 40.82 3.70
C ALA C 216 19.51 40.93 3.52
N TRP C 217 19.06 41.22 2.28
CA TRP C 217 17.63 41.16 2.00
C TRP C 217 17.02 39.79 2.31
N LEU C 218 17.64 38.71 1.80
CA LEU C 218 17.17 37.36 2.09
C LEU C 218 17.14 37.12 3.60
N GLN C 219 18.10 37.71 4.35
CA GLN C 219 18.16 37.63 5.81
C GLN C 219 17.00 38.34 6.54
N GLN C 220 16.48 39.46 6.03
CA GLN C 220 15.31 40.08 6.62
C GLN C 220 14.08 39.16 6.46
N LEU C 221 13.99 38.43 5.35
CA LEU C 221 12.87 37.50 5.18
C LEU C 221 12.88 36.45 6.29
N ARG C 222 14.07 36.11 6.81
CA ARG C 222 14.20 35.12 7.88
C ARG C 222 13.56 35.64 9.17
N VAL C 223 13.50 36.98 9.33
CA VAL C 223 12.89 37.61 10.50
C VAL C 223 11.44 38.02 10.19
N ALA C 224 11.11 38.24 8.91
CA ALA C 224 9.74 38.49 8.48
C ALA C 224 8.82 37.29 8.83
N PRO C 225 7.51 37.47 9.16
CA PRO C 225 6.60 36.33 9.32
C PRO C 225 6.37 35.53 8.02
N TYR C 226 6.02 34.25 8.14
CA TYR C 226 5.97 33.32 7.01
C TYR C 226 5.33 34.00 5.79
N GLU C 227 4.18 34.66 5.99
CA GLU C 227 3.33 35.13 4.91
C GLU C 227 4.04 36.21 4.07
N GLU C 228 4.76 37.10 4.74
CA GLU C 228 5.50 38.15 4.06
C GLU C 228 6.67 37.57 3.24
N ALA C 229 7.35 36.55 3.81
CA ALA C 229 8.56 36.05 3.16
C ALA C 229 8.21 35.25 1.89
N HIS C 230 7.15 34.42 1.98
CA HIS C 230 6.61 33.70 0.83
C HIS C 230 6.26 34.65 -0.31
N LYS C 231 5.40 35.64 0.00
CA LYS C 231 4.91 36.64 -0.96
C LYS C 231 6.08 37.34 -1.65
N ALA C 232 7.14 37.67 -0.87
CA ALA C 232 8.32 38.40 -1.38
C ALA C 232 9.18 37.57 -2.32
N LEU C 233 9.28 36.25 -2.07
CA LEU C 233 10.04 35.35 -2.95
C LEU C 233 9.31 35.19 -4.30
N CYS C 234 7.96 35.18 -4.29
CA CYS C 234 7.18 35.03 -5.52
C CYS C 234 7.29 36.26 -6.44
N THR C 235 7.80 37.38 -5.91
CA THR C 235 8.27 38.54 -6.68
C THR C 235 9.38 38.17 -7.66
N LEU C 236 10.21 37.17 -7.33
CA LEU C 236 11.49 37.02 -8.02
C LEU C 236 11.30 36.21 -9.30
N PRO C 237 11.87 36.65 -10.44
CA PRO C 237 11.82 35.90 -11.69
C PRO C 237 12.09 34.42 -11.55
N GLY C 238 11.21 33.59 -12.10
CA GLY C 238 11.39 32.15 -12.11
C GLY C 238 10.98 31.44 -10.82
N VAL C 239 10.47 32.20 -9.84
CA VAL C 239 10.12 31.65 -8.53
C VAL C 239 8.60 31.58 -8.42
N GLY C 240 8.11 30.36 -8.14
CA GLY C 240 6.69 30.08 -7.98
C GLY C 240 6.36 29.75 -6.53
N ALA C 241 5.08 29.38 -6.30
CA ALA C 241 4.58 29.13 -4.97
C ALA C 241 5.34 27.97 -4.30
N LYS C 242 5.66 26.91 -5.08
CA LYS C 242 6.25 25.69 -4.54
C LYS C 242 7.72 25.91 -4.13
N VAL C 243 8.49 26.57 -5.00
CA VAL C 243 9.87 26.90 -4.69
C VAL C 243 9.96 27.88 -3.51
N ALA C 244 9.11 28.90 -3.50
CA ALA C 244 9.05 29.83 -2.37
C ALA C 244 8.81 29.08 -1.04
N ASP C 245 7.98 28.03 -1.09
CA ASP C 245 7.71 27.23 0.10
C ASP C 245 8.94 26.38 0.51
N CYS C 246 9.66 25.80 -0.46
CA CYS C 246 10.87 25.03 -0.15
C CYS C 246 11.88 25.93 0.56
N ILE C 247 12.05 27.15 0.02
CA ILE C 247 12.99 28.11 0.56
C ILE C 247 12.55 28.59 1.96
N CYS C 248 11.27 28.96 2.14
CA CYS C 248 10.78 29.35 3.46
C CYS C 248 11.08 28.30 4.51
N LEU C 249 10.85 27.03 4.13
CA LEU C 249 10.99 25.91 5.03
C LEU C 249 12.48 25.65 5.32
N MET C 250 13.27 25.66 4.26
CA MET C 250 14.62 25.15 4.34
C MET C 250 15.66 26.22 4.78
N ALA C 251 15.44 27.51 4.49
CA ALA C 251 16.44 28.56 4.67
C ALA C 251 15.93 29.79 5.43
N LEU C 252 14.60 29.98 5.57
CA LEU C 252 14.09 31.20 6.17
C LEU C 252 13.31 30.90 7.44
N ASP C 253 13.64 29.81 8.14
CA ASP C 253 13.12 29.51 9.47
C ASP C 253 11.58 29.54 9.51
N LYS C 254 10.89 29.06 8.46
CA LYS C 254 9.44 28.92 8.49
C LYS C 254 9.06 27.43 8.53
N PRO C 255 9.15 26.80 9.70
CA PRO C 255 8.85 25.37 9.79
C PRO C 255 7.40 24.97 9.51
N GLN C 256 6.49 25.94 9.32
CA GLN C 256 5.10 25.60 9.03
C GLN C 256 4.85 25.58 7.50
N ALA C 257 5.85 26.02 6.73
CA ALA C 257 5.74 26.01 5.29
C ALA C 257 5.61 24.58 4.77
N VAL C 258 4.70 24.36 3.80
CA VAL C 258 4.40 23.02 3.30
C VAL C 258 4.43 23.07 1.78
N PRO C 259 5.55 22.70 1.15
CA PRO C 259 5.66 22.90 -0.29
C PRO C 259 4.74 21.88 -0.93
N VAL C 260 3.87 22.33 -1.84
CA VAL C 260 2.81 21.47 -2.35
C VAL C 260 3.04 21.21 -3.83
N ASP C 261 3.17 19.93 -4.19
CA ASP C 261 3.42 19.47 -5.55
C ASP C 261 2.69 18.13 -5.74
N VAL C 262 2.90 17.51 -6.91
CA VAL C 262 2.33 16.22 -7.25
C VAL C 262 2.53 15.19 -6.14
N HIS C 263 3.72 15.12 -5.52
CA HIS C 263 4.02 14.03 -4.62
C HIS C 263 3.25 14.17 -3.32
N VAL C 264 3.04 15.42 -2.91
CA VAL C 264 2.27 15.70 -1.72
C VAL C 264 0.79 15.40 -2.00
N TRP C 265 0.31 15.75 -3.21
CA TRP C 265 -1.04 15.37 -3.63
C TRP C 265 -1.27 13.88 -3.44
N GLN C 266 -0.31 13.07 -3.90
CA GLN C 266 -0.43 11.64 -3.90
C GLN C 266 -0.51 11.08 -2.46
N ILE C 267 0.28 11.65 -1.54
CA ILE C 267 0.21 11.31 -0.13
C ILE C 267 -1.14 11.72 0.45
N ALA C 268 -1.49 13.00 0.29
CA ALA C 268 -2.75 13.50 0.82
C ALA C 268 -3.89 12.56 0.40
N HIS C 269 -3.97 12.24 -0.91
CA HIS C 269 -5.12 11.50 -1.42
C HIS C 269 -5.08 10.05 -0.92
N ARG C 270 -3.98 9.31 -1.21
CA ARG C 270 -3.89 7.90 -0.88
C ARG C 270 -3.91 7.67 0.63
N ASP C 271 -3.05 8.39 1.36
CA ASP C 271 -2.78 8.03 2.74
C ASP C 271 -3.66 8.82 3.70
N TYR C 272 -4.24 9.95 3.26
CA TYR C 272 -5.13 10.73 4.14
C TYR C 272 -6.55 10.76 3.59
N GLY C 273 -6.81 10.32 2.35
CA GLY C 273 -8.16 10.39 1.82
C GLY C 273 -8.60 11.82 1.53
N TRP C 274 -7.65 12.72 1.24
CA TRP C 274 -8.00 14.12 1.06
C TRP C 274 -8.41 14.37 -0.38
N HIS C 275 -9.44 15.21 -0.56
CA HIS C 275 -9.87 15.75 -1.85
C HIS C 275 -10.14 17.25 -1.62
N PRO C 276 -9.91 18.14 -2.60
CA PRO C 276 -10.21 19.56 -2.35
C PRO C 276 -11.64 19.70 -1.85
N LYS C 277 -11.82 20.26 -0.64
CA LYS C 277 -13.12 20.65 -0.11
C LYS C 277 -13.62 21.93 -0.80
N THR C 278 -12.70 22.73 -1.39
CA THR C 278 -13.03 23.95 -2.11
C THR C 278 -13.73 23.62 -3.44
N SER C 279 -13.64 22.36 -3.88
CA SER C 279 -14.63 21.74 -4.74
C SER C 279 -14.59 22.27 -6.18
N GLN C 280 -13.50 22.96 -6.56
CA GLN C 280 -13.43 23.55 -7.89
C GLN C 280 -12.96 22.50 -8.88
N ALA C 281 -11.66 22.17 -8.81
CA ALA C 281 -11.06 21.16 -9.67
C ALA C 281 -10.99 19.85 -8.90
N LYS C 282 -10.67 18.76 -9.63
CA LYS C 282 -10.33 17.48 -9.02
C LYS C 282 -8.82 17.28 -9.10
N GLY C 283 -8.06 18.36 -9.36
CA GLY C 283 -6.62 18.25 -9.55
C GLY C 283 -5.87 19.49 -9.05
N PRO C 284 -4.51 19.44 -9.06
CA PRO C 284 -3.68 20.57 -8.63
C PRO C 284 -3.99 21.92 -9.31
N SER C 285 -4.10 22.96 -8.48
CA SER C 285 -4.39 24.32 -8.92
C SER C 285 -3.93 25.28 -7.82
N PRO C 286 -3.71 26.58 -8.12
CA PRO C 286 -3.39 27.56 -7.09
C PRO C 286 -4.14 27.40 -5.77
N LEU C 287 -5.48 27.40 -5.86
CA LEU C 287 -6.32 27.52 -4.67
C LEU C 287 -6.41 26.19 -3.94
N ALA C 288 -6.51 25.08 -4.70
CA ALA C 288 -6.47 23.74 -4.13
C ALA C 288 -5.13 23.47 -3.46
N ASN C 289 -4.03 23.98 -4.03
CA ASN C 289 -2.71 23.70 -3.49
C ASN C 289 -2.58 24.39 -2.14
N LYS C 290 -3.06 25.63 -2.05
CA LYS C 290 -3.01 26.34 -0.78
C LYS C 290 -3.91 25.64 0.24
N GLU C 291 -5.04 25.10 -0.21
CA GLU C 291 -5.92 24.39 0.72
C GLU C 291 -5.21 23.16 1.28
N LEU C 292 -4.41 22.48 0.45
CA LEU C 292 -3.72 21.30 0.95
C LEU C 292 -2.69 21.71 1.99
N GLY C 293 -2.04 22.87 1.78
CA GLY C 293 -1.08 23.37 2.75
C GLY C 293 -1.72 23.59 4.11
N ASN C 294 -2.86 24.30 4.09
CA ASN C 294 -3.62 24.56 5.30
C ASN C 294 -4.02 23.23 5.94
N PHE C 295 -4.45 22.24 5.14
CA PHE C 295 -4.90 20.99 5.72
C PHE C 295 -3.79 20.44 6.60
N PHE C 296 -2.54 20.41 6.09
CA PHE C 296 -1.43 19.80 6.82
C PHE C 296 -1.02 20.61 8.05
N ARG C 297 -1.14 21.94 7.99
CA ARG C 297 -0.82 22.79 9.14
C ARG C 297 -1.82 22.56 10.27
N ASN C 298 -3.13 22.47 9.93
CA ASN C 298 -4.14 22.14 10.93
C ASN C 298 -3.88 20.77 11.56
N LEU C 299 -3.43 19.79 10.78
CA LEU C 299 -3.24 18.48 11.35
C LEU C 299 -2.02 18.46 12.29
N TRP C 300 -0.86 18.93 11.80
CA TRP C 300 0.40 18.57 12.46
C TRP C 300 0.88 19.67 13.41
N GLY C 301 0.61 20.94 13.07
CA GLY C 301 0.95 22.05 13.92
C GLY C 301 1.90 23.01 13.21
N PRO C 302 2.66 23.84 13.96
CA PRO C 302 3.47 24.90 13.35
C PRO C 302 4.79 24.37 12.75
N TYR C 303 5.16 23.11 13.05
CA TYR C 303 6.28 22.42 12.41
C TYR C 303 5.78 21.44 11.33
N ALA C 304 4.85 21.90 10.49
CA ALA C 304 4.14 21.02 9.56
C ALA C 304 5.04 20.63 8.39
N GLY C 305 5.90 21.57 7.96
CA GLY C 305 6.83 21.33 6.86
C GLY C 305 7.84 20.24 7.20
N TRP C 306 8.15 20.11 8.50
CA TRP C 306 9.10 19.16 9.01
C TRP C 306 8.51 17.76 9.02
N ALA C 307 7.23 17.67 9.37
CA ALA C 307 6.57 16.38 9.44
C ALA C 307 6.44 15.79 8.02
N GLN C 308 6.09 16.67 7.10
CA GLN C 308 5.89 16.36 5.68
C GLN C 308 7.21 15.88 5.07
N ALA C 309 8.31 16.46 5.56
CA ALA C 309 9.64 16.05 5.15
C ALA C 309 9.91 14.60 5.58
N VAL C 310 9.40 14.17 6.72
CA VAL C 310 9.59 12.78 7.12
C VAL C 310 8.99 11.87 6.04
N LEU C 311 7.80 12.25 5.56
CA LEU C 311 7.06 11.39 4.66
C LEU C 311 7.80 11.33 3.32
N PHE C 312 8.38 12.47 2.94
CA PHE C 312 9.12 12.55 1.71
C PHE C 312 10.35 11.64 1.81
N SER C 313 11.17 11.80 2.87
CA SER C 313 12.34 10.96 3.02
C SER C 313 11.93 9.50 3.03
N ALA C 314 10.83 9.14 3.73
CA ALA C 314 10.38 7.75 3.78
C ALA C 314 10.14 7.20 2.39
N ASP C 315 9.50 8.00 1.55
CA ASP C 315 9.03 7.56 0.26
C ASP C 315 10.17 7.42 -0.76
N LEU C 316 11.25 8.23 -0.68
CA LEU C 316 12.43 8.01 -1.53
C LEU C 316 13.04 6.62 -1.35
N ARG C 317 12.74 5.90 -0.25
CA ARG C 317 13.11 4.50 -0.05
C ARG C 317 11.88 3.58 -0.22
C4 A1IEJ D . -12.09 -2.21 16.84
C14 A1IEJ D . -11.00 1.13 17.83
C5 A1IEJ D . -12.68 -3.36 16.15
C6 A1IEJ D . -12.09 -4.61 16.21
C11 A1IEJ D . -10.12 -0.93 19.57
C7 A1IEJ D . -12.65 -5.67 15.54
C8 A1IEJ D . -13.85 -5.47 14.87
C9 A1IEJ D . -13.87 -3.25 15.43
C10 A1IEJ D . -10.88 -1.22 18.45
C12 A1IEJ D . -9.79 0.39 19.79
C13 A1IEJ D . -10.24 1.41 18.94
N1 A1IEJ D . -12.18 0.35 13.03
N2 A1IEJ D . -14.46 -4.27 14.81
C3 A1IEJ D . -12.11 -0.86 16.56
N3 A1IEJ D . -11.34 -2.41 17.98
C1 A1IEJ D . -11.66 -0.18 14.27
C2 A1IEJ D . -12.67 -0.14 15.39
C15 A1IEJ D . -11.34 -0.21 17.58
H15 A1IEJ D . -11.31 1.82 17.27
H7 A1IEJ D . -11.28 -4.73 16.68
H12 A1IEJ D . -9.80 -1.61 20.14
H8 A1IEJ D . -12.26 -6.53 15.58
H9 A1IEJ D . -14.25 -6.19 14.42
H10 A1IEJ D . -14.30 -2.41 15.40
H13 A1IEJ D . -9.26 0.62 20.53
H14 A1IEJ D . -10.00 2.31 19.12
H1 A1IEJ D . -11.62 0.95 12.69
H2 A1IEJ D . -12.95 0.75 13.16
H11 A1IEJ D . -11.22 -3.18 18.37
H3 A1IEJ D . -10.87 0.33 14.54
H4 A1IEJ D . -11.38 -1.11 14.12
H5 A1IEJ D . -13.50 -0.56 15.10
H6 A1IEJ D . -12.86 0.78 15.63
NI NI E . -10.52 9.68 -3.94
C4 A1IEJ F . -6.70 -9.56 -17.88
C14 A1IEJ F . -9.77 -10.24 -16.02
C5 A1IEJ F . -5.55 -8.92 -18.52
C6 A1IEJ F . -5.65 -7.66 -19.13
C11 A1IEJ F . -8.37 -12.57 -16.81
C7 A1IEJ F . -4.50 -7.07 -19.63
C8 A1IEJ F . -3.31 -7.72 -19.49
C9 A1IEJ F . -4.28 -9.48 -18.37
C10 A1IEJ F . -7.88 -11.31 -17.13
C12 A1IEJ F . -9.55 -12.64 -16.08
C13 A1IEJ F . -10.23 -11.49 -15.70
N1 A1IEJ F . -7.69 -5.66 -15.45
N2 A1IEJ F . -3.17 -8.92 -18.88
C3 A1IEJ F . -7.79 -9.03 -17.23
N3 A1IEJ F . -6.74 -10.94 -17.79
C1 A1IEJ F . -7.28 -7.01 -15.87
C2 A1IEJ F . -8.15 -7.60 -16.99
C15 A1IEJ F . -8.57 -10.13 -16.75
H15 A1IEJ F . -10.24 -9.46 -15.76
H7 A1IEJ F . -6.48 -7.24 -19.22
H12 A1IEJ F . -7.90 -13.36 -17.06
H8 A1IEJ F . -4.55 -6.25 -20.09
H9 A1IEJ F . -2.54 -7.33 -19.85
H10 A1IEJ F . -4.20 -10.31 -17.94
H13 A1IEJ F . -9.89 -13.48 -15.86
H14 A1IEJ F . -11.05 -11.57 -15.22
H1 A1IEJ F . -7.00 -5.23 -15.10
H2 A1IEJ F . -7.98 -5.20 -16.14
H11 A1IEJ F . -6.17 -11.48 -18.14
H3 A1IEJ F . -7.32 -7.60 -15.10
H4 A1IEJ F . -6.35 -6.97 -16.18
H5 A1IEJ F . -8.01 -7.09 -17.81
H6 A1IEJ F . -9.08 -7.53 -16.75
C4 A1IEJ G . 11.66 18.50 -1.73
C14 A1IEJ G . 10.98 18.06 -5.30
C5 A1IEJ G . 11.47 18.61 -0.28
C6 A1IEJ G . 10.48 19.40 0.29
C11 A1IEJ G . 13.75 18.08 -4.65
C7 A1IEJ G . 10.31 19.40 1.67
C8 A1IEJ G . 11.13 18.62 2.43
C9 A1IEJ G . 12.24 17.84 0.59
C10 A1IEJ G . 12.78 18.22 -3.66
C12 A1IEJ G . 13.31 17.90 -5.95
C13 A1IEJ G . 11.94 17.90 -6.26
N1 A1IEJ G . 7.20 17.25 -2.04
N2 A1IEJ G . 12.08 17.82 1.92
C3 A1IEJ G . 10.71 18.39 -2.72
N3 A1IEJ G . 12.91 18.36 -2.30
C1 A1IEJ G . 8.64 17.08 -2.23
C2 A1IEJ G . 9.22 18.41 -2.59
C15 A1IEJ G . 11.39 18.22 -3.96
H15 A1IEJ G . 10.06 18.06 -5.52
H7 A1IEJ G . 9.93 19.93 -0.25
H12 A1IEJ G . 14.67 18.06 -4.43
H8 A1IEJ G . 9.66 19.95 2.06
H9 A1IEJ G . 11.02 18.62 3.36
H10 A1IEJ G . 12.90 17.27 0.21
H13 A1IEJ G . 13.95 17.80 -6.63
H14 A1IEJ G . 11.68 17.80 -7.17
H1 A1IEJ G . 6.76 16.58 -2.39
H2 A1IEJ G . 6.91 17.99 -2.42
H11 A1IEJ G . 13.67 18.40 -1.88
H3 A1IEJ G . 8.80 16.43 -2.94
H4 A1IEJ G . 9.04 16.74 -1.40
H5 A1IEJ G . 8.98 19.06 -1.91
H6 A1IEJ G . 8.84 18.71 -3.43
#